data_8D96
#
_entry.id   8D96
#
_cell.length_a   1.00
_cell.length_b   1.00
_cell.length_c   1.00
_cell.angle_alpha   90.00
_cell.angle_beta   90.00
_cell.angle_gamma   90.00
#
_symmetry.space_group_name_H-M   'P 1'
#
loop_
_entity.id
_entity.type
_entity.pdbx_description
1 polymer 'DNA primase large subunit'
2 polymer 'DNA polymerase alpha catalytic subunit'
3 polymer "DNA/RNA (5'-GTP)-R(P*GP*CP*GP*GP*CP*AP*CP*G)-D(P*AP*CP*C)-3')"
4 polymer "DNA (5'-D(*AP*TP*AP*AP*TP*GP*GP*TP*CP*GP*TP*GP*CP*CP*GP*CP*CP*AP*AP*TP*AP*A)-3')"
5 non-polymer 'IRON/SULFUR CLUSTER'
6 non-polymer 'MAGNESIUM ION'
7 non-polymer "2'-DEOXYADENOSINE 5'-TRIPHOSPHATE"
#
loop_
_entity_poly.entity_id
_entity_poly.type
_entity_poly.pdbx_seq_one_letter_code
_entity_poly.pdbx_strand_id
1 'polypeptide(L)'
;MEFSGRKWRKLRLAGDQRNASYPHCLQFYLQPPSENISLIEFENLAIDRVKLLKSVENLGVSYVKGTEQYQSKLESELRK
LKFSYRENLEDEYEPRRRDHISHFILRLAYCQSEELRRWFIQQEMDLLRFRFSILPKDKIQDFLKDSQLQFEAISDEEKT
LREQEIVASSPSLSGLKLGFESIYKIPFADALDLFRGRKVYLEDGFAYVPLKDIVAIILNEFRAKLSKALALTARSLPAV
QSDERLQPLLNHLSHSYTGQDYSTQGNVGKISLDQIDLLSTKSFPPCMRQLHKALRENHHLRHGGRMQYGLFLKGIGLTL
EQALQFWKQEFIKGKMDPDKFDKGYSYNIRHSFGKEGKRTDYTPFSCLKIILSNPPSQGDYHGCPFRHSDPELLKQKLQS
YKISPGGISQILDLVKGTHYQVACQKYFEMIHNVDDCGFSLNHPNQFFCESQRILNGGKDIKKEPIQPETPQPKPSVQKT
KDASSALASLNSSLEMDMEGLEDYFSEDS
;
B
2 'polypeptide(L)'
;MAPVHGDDSLSDSGSFVSSRARREKKSKKGRQEALERLKKAKAGEKYKYEVEDFTGVYEEVDEEQYSKLVQARQDDDWIV
DDDGIGYVEDGREIFDDDLEDDALDADEKGKDGKARNKDKRNVKKLAVTKPNNIKSMFIACAGKKTADKAVDLSKDGLLG
DILQDLNTETPQITPPPVMILKKKRSIGASPNPFSVHTATAVPSGKIASPVSRKEPPLTPVPLKRAEFAGDDVQVESTEE
EQESGAMEFEDGDFDEPMEVEEVDLEPMAAKAWDKESEPAEEVKQEADSGKGTVSYLGSFLPDVSCWDIDQEGDSSFSVQ
EVQVDSSHLPLVKGADEEQVFHFYWLDAYEDQYNQPGVVFLFGKVWIESAETHVSCCVMVKNIERTLYFLPREMKIDLNT
GKETGTPISMKDVYEEFDEKIATKYKIMKFKSKPVEKNYAFEIPDVPEKSEYLEVKYSAEMPQLPQDLKGETFSHVFGTN
TSSLELFLMNRKIKGPCWLEVKSPQLLNQPVSWCKVEAMALKPDLVNVIKDVSPPPLVVMAFSMKTMQNAKNHQNEIIAM
AALVHHSFALDKAAPKPPFQSHFCVVSKPKDCIFPYAFKEVIEKKNVKVEVAATERTLLGFFLAKVHKIDPDIIVGHNIY
GFELEVLLQRINVCKAPHWSKIGRLKRSNMPKLGGRSGFGERNATCGRMICDVEISAKELIRCKSYHLSELVQQILKTER
VVIPMENIQNMYSESSQLLYLLEHTWKDAKFILQIMCELNVLPLALQITNIAGNIMSRTLMGGRSERNEFLLLHAFYENN
YIVPDKQIFRKPQQKLGDEDEEIDGDTNKYKKGRKKAAYAGGLVLDPKVGFYDKFILLLDFNSLYPSIIQEFNICFTTVQ
RVASEAQKVTEDGEQEQIPELPDPSLEMGILPREIRKLVERRKQVKQLMKQQDLNPDLILQYDIRQKALKLTANSMYGCL
GFSYSRFYAKPLAALVTYKGREILMHTKEMVQKMNLEVIYGDTDSIMINTNSTNLEEVFKLGNKVKSEVNKLYKLLEIDI
DGVFKSLLLLKKKKYAALVVEPTSDGNYVTKQELKGLDIVRRDWCDLAKDTGNFVIGQILSDQSRDTIVENIQKRLIEIG
ENVLNGSVPVSQFEINKALTKDPQDYPDKKSLPHVHVALWINSQGGRKVKAGDTVSYVICQDGSNLTASQRAYAPEQLQK
QDNLTIDTQYYLAQQIHPVVARICEPIDGIDAVLIATWLGLDPTQFRVHHYHKDEENDALLGGPAQLTDEEKYRDCERFK
CPCPTCGTENIYDNVFDGSGTDMEPSLYRCSNIDCKASPLTFTVQLSNKLIMDIRRFIKKYYDGWLICEEPTCRNRTRHL
PLQFSRTGPLCPACMKATLQPEYSDKSLYTQLCFYRYIFDAECALEKLTTDHEKDKLKKQFFTPKVLQDYRKLKNTAEQF
LSRSGYSEVNLSKLFAGCAVKS
;
C
3 'polydeoxyribonucleotide/polyribonucleotide hybrid' (GTP)GCGGCACG(DA)(DC)(DC) E
4 'polydeoxyribonucleotide'
;(DA)(DT)(DA)(DA)(DT)(DG)(DG)(DT)(DC)(DG)(DT)(DG)(DC)(DC)(DG)(DC)(DC)(DA)(DA)(DT)
(DA)(DA)
;
F
#
loop_
_chem_comp.id
_chem_comp.type
_chem_comp.name
_chem_comp.formula
A RNA linking ADENOSINE-5'-MONOPHOSPHATE 'C10 H14 N5 O7 P'
C RNA linking CYTIDINE-5'-MONOPHOSPHATE 'C9 H14 N3 O8 P'
DA DNA linking 2'-DEOXYADENOSINE-5'-MONOPHOSPHATE 'C10 H14 N5 O6 P'
DC DNA linking 2'-DEOXYCYTIDINE-5'-MONOPHOSPHATE 'C9 H14 N3 O7 P'
DG DNA linking 2'-DEOXYGUANOSINE-5'-MONOPHOSPHATE 'C10 H14 N5 O7 P'
DT DNA linking THYMIDINE-5'-MONOPHOSPHATE 'C10 H15 N2 O8 P'
DTP non-polymer '2'-DEOXYADENOSINE 5'-TRIPHOSPHATE' 'C10 H16 N5 O12 P3'
G RNA linking GUANOSINE-5'-MONOPHOSPHATE 'C10 H14 N5 O8 P'
GTP non-polymer GUANOSINE-5'-TRIPHOSPHATE 'C10 H16 N5 O14 P3'
MG non-polymer 'MAGNESIUM ION' 'Mg 2'
SF4 non-polymer 'IRON/SULFUR CLUSTER' 'Fe4 S4'
#
# COMPACT_ATOMS: atom_id res chain seq x y z
N LYS A 270 -30.95 47.04 -15.57
CA LYS A 270 -31.30 48.34 -15.03
C LYS A 270 -30.09 49.01 -14.36
N ILE A 271 -29.63 48.40 -13.27
CA ILE A 271 -28.50 48.94 -12.53
C ILE A 271 -27.21 48.67 -13.29
N SER A 272 -26.42 49.72 -13.48
CA SER A 272 -25.14 49.64 -14.17
C SER A 272 -24.01 49.63 -13.15
N LEU A 273 -22.78 49.67 -13.64
CA LEU A 273 -21.60 49.59 -12.78
C LEU A 273 -21.16 50.95 -12.24
N ASP A 274 -21.67 52.05 -12.79
CA ASP A 274 -21.18 53.38 -12.44
C ASP A 274 -21.96 54.04 -11.31
N GLN A 275 -23.06 53.42 -10.85
CA GLN A 275 -23.83 54.00 -9.75
C GLN A 275 -23.92 53.11 -8.53
N ILE A 276 -23.27 51.95 -8.52
CA ILE A 276 -23.32 51.07 -7.35
C ILE A 276 -22.66 51.74 -6.15
N ASP A 277 -21.56 52.46 -6.39
CA ASP A 277 -20.89 53.17 -5.30
C ASP A 277 -21.80 54.23 -4.69
N LEU A 278 -22.50 54.99 -5.55
CA LEU A 278 -23.42 56.00 -5.06
C LEU A 278 -24.58 55.37 -4.30
N LEU A 279 -25.11 54.26 -4.82
CA LEU A 279 -26.22 53.58 -4.15
C LEU A 279 -25.80 53.05 -2.78
N SER A 280 -24.59 52.50 -2.68
CA SER A 280 -24.11 52.02 -1.40
C SER A 280 -23.98 53.15 -0.38
N THR A 281 -23.47 54.31 -0.81
CA THR A 281 -23.32 55.45 0.07
C THR A 281 -24.66 56.08 0.45
N LYS A 282 -25.67 55.98 -0.42
CA LYS A 282 -26.94 56.65 -0.20
C LYS A 282 -28.00 55.73 0.40
N SER A 283 -28.23 54.57 -0.22
CA SER A 283 -29.35 53.71 0.16
C SER A 283 -28.96 52.47 0.96
N PHE A 284 -27.76 51.94 0.78
CA PHE A 284 -27.39 50.70 1.43
C PHE A 284 -27.23 50.91 2.94
N PRO A 285 -27.58 49.92 3.74
CA PRO A 285 -27.34 50.00 5.19
C PRO A 285 -25.86 49.97 5.49
N PRO A 286 -25.44 50.41 6.68
CA PRO A 286 -24.00 50.50 6.97
C PRO A 286 -23.26 49.18 6.85
N CYS A 287 -23.93 48.05 7.14
CA CYS A 287 -23.27 46.75 7.03
C CYS A 287 -22.81 46.49 5.60
N MET A 288 -23.73 46.63 4.64
CA MET A 288 -23.38 46.33 3.26
C MET A 288 -22.51 47.43 2.66
N ARG A 289 -22.62 48.66 3.16
CA ARG A 289 -21.68 49.71 2.76
C ARG A 289 -20.26 49.36 3.20
N GLN A 290 -20.10 48.87 4.43
CA GLN A 290 -18.79 48.43 4.90
C GLN A 290 -18.29 47.25 4.08
N LEU A 291 -19.17 46.30 3.76
CA LEU A 291 -18.77 45.18 2.92
C LEU A 291 -18.31 45.64 1.53
N HIS A 292 -19.03 46.59 0.94
CA HIS A 292 -18.64 47.13 -0.35
C HIS A 292 -17.30 47.84 -0.28
N LYS A 293 -17.07 48.62 0.77
CA LYS A 293 -15.79 49.31 0.93
C LYS A 293 -14.66 48.30 1.10
N ALA A 294 -14.89 47.25 1.89
CA ALA A 294 -13.87 46.22 2.07
C ALA A 294 -13.56 45.51 0.75
N LEU A 295 -14.58 45.20 -0.04
CA LEU A 295 -14.36 44.58 -1.34
C LEU A 295 -13.60 45.52 -2.27
N ARG A 296 -13.93 46.80 -2.24
CA ARG A 296 -13.24 47.77 -3.08
C ARG A 296 -11.77 47.89 -2.71
N GLU A 297 -11.47 47.91 -1.41
CA GLU A 297 -10.10 48.17 -0.96
C GLU A 297 -9.26 46.90 -0.98
N ASN A 298 -9.65 45.89 -0.21
CA ASN A 298 -8.87 44.67 -0.10
C ASN A 298 -8.92 43.81 -1.36
N HIS A 299 -9.87 44.05 -2.25
CA HIS A 299 -10.05 43.27 -3.48
C HIS A 299 -10.28 41.78 -3.16
N HIS A 300 -10.81 41.52 -1.96
CA HIS A 300 -11.08 40.16 -1.54
C HIS A 300 -12.08 40.21 -0.40
N LEU A 301 -12.75 39.07 -0.18
CA LEU A 301 -13.72 38.95 0.91
C LEU A 301 -13.77 37.50 1.36
N ARG A 302 -14.25 37.29 2.58
CA ARG A 302 -14.42 35.95 3.12
C ARG A 302 -15.74 35.36 2.64
N HIS A 303 -16.00 34.12 3.03
CA HIS A 303 -17.21 33.43 2.55
C HIS A 303 -18.48 34.14 3.01
N GLY A 304 -18.53 34.56 4.28
CA GLY A 304 -19.74 35.22 4.77
C GLY A 304 -20.03 36.51 4.02
N GLY A 305 -19.02 37.36 3.86
CA GLY A 305 -19.21 38.60 3.13
C GLY A 305 -19.54 38.36 1.66
N ARG A 306 -18.85 37.40 1.03
CA ARG A 306 -19.13 37.10 -0.37
C ARG A 306 -20.57 36.64 -0.55
N MET A 307 -21.02 35.71 0.30
CA MET A 307 -22.39 35.21 0.21
C MET A 307 -23.40 36.33 0.44
N GLN A 308 -23.18 37.15 1.48
CA GLN A 308 -24.12 38.21 1.79
C GLN A 308 -24.21 39.21 0.65
N TYR A 309 -23.06 39.63 0.11
CA TYR A 309 -23.07 40.59 -0.98
C TYR A 309 -23.69 40.01 -2.24
N GLY A 310 -23.39 38.75 -2.56
CA GLY A 310 -23.99 38.13 -3.73
C GLY A 310 -25.49 38.01 -3.62
N LEU A 311 -25.98 37.57 -2.46
CA LEU A 311 -27.42 37.46 -2.27
C LEU A 311 -28.10 38.83 -2.33
N PHE A 312 -27.48 39.86 -1.74
CA PHE A 312 -28.07 41.19 -1.80
C PHE A 312 -28.10 41.72 -3.23
N LEU A 313 -27.02 41.51 -3.98
CA LEU A 313 -26.96 41.97 -5.37
C LEU A 313 -27.98 41.24 -6.24
N LYS A 314 -28.19 39.95 -5.97
CA LYS A 314 -29.26 39.23 -6.65
C LYS A 314 -30.62 39.80 -6.27
N GLY A 315 -30.82 40.14 -4.99
CA GLY A 315 -32.10 40.65 -4.55
C GLY A 315 -32.46 42.00 -5.15
N ILE A 316 -31.47 42.89 -5.25
CA ILE A 316 -31.76 44.22 -5.77
C ILE A 316 -32.13 44.19 -7.24
N GLY A 317 -31.70 43.18 -7.99
CA GLY A 317 -32.14 43.02 -9.36
C GLY A 317 -31.07 42.67 -10.37
N LEU A 318 -29.83 42.53 -9.92
CA LEU A 318 -28.76 42.18 -10.84
C LEU A 318 -28.90 40.74 -11.31
N THR A 319 -28.60 40.52 -12.59
CA THR A 319 -28.70 39.21 -13.21
C THR A 319 -27.34 38.53 -13.22
N LEU A 320 -27.26 37.37 -13.89
CA LEU A 320 -26.04 36.58 -13.87
C LEU A 320 -24.90 37.29 -14.59
N GLU A 321 -25.18 37.89 -15.75
CA GLU A 321 -24.10 38.43 -16.58
C GLU A 321 -23.40 39.58 -15.88
N GLN A 322 -24.16 40.57 -15.40
CA GLN A 322 -23.55 41.72 -14.75
C GLN A 322 -22.87 41.34 -13.45
N ALA A 323 -23.46 40.43 -12.67
CA ALA A 323 -22.83 39.99 -11.43
C ALA A 323 -21.51 39.30 -11.71
N LEU A 324 -21.48 38.42 -12.72
CA LEU A 324 -20.24 37.74 -13.09
C LEU A 324 -19.20 38.75 -13.57
N GLN A 325 -19.61 39.72 -14.38
CA GLN A 325 -18.69 40.74 -14.87
C GLN A 325 -18.09 41.52 -13.71
N PHE A 326 -18.93 41.96 -12.77
CA PHE A 326 -18.44 42.74 -11.63
C PHE A 326 -17.51 41.92 -10.77
N TRP A 327 -17.87 40.66 -10.48
CA TRP A 327 -17.03 39.82 -9.63
C TRP A 327 -15.68 39.54 -10.28
N LYS A 328 -15.67 39.24 -11.58
CA LYS A 328 -14.40 38.96 -12.24
C LYS A 328 -13.55 40.22 -12.37
N GLN A 329 -14.19 41.37 -12.59
CA GLN A 329 -13.44 42.62 -12.65
C GLN A 329 -12.81 42.94 -11.29
N GLU A 330 -13.55 42.74 -10.21
CA GLU A 330 -12.98 42.94 -8.88
C GLU A 330 -11.88 41.96 -8.55
N PHE A 331 -12.02 40.70 -8.98
CA PHE A 331 -10.97 39.72 -8.77
C PHE A 331 -9.71 40.02 -9.57
N ILE A 332 -9.87 40.59 -10.78
CA ILE A 332 -8.71 41.05 -11.54
C ILE A 332 -7.96 42.13 -10.75
N LYS A 333 -8.70 43.02 -10.09
CA LYS A 333 -8.07 44.00 -9.20
C LYS A 333 -7.34 43.36 -8.04
N GLY A 334 -7.68 42.12 -7.69
CA GLY A 334 -6.92 41.35 -6.72
C GLY A 334 -5.69 40.68 -7.27
N LYS A 335 -5.54 40.67 -8.60
CA LYS A 335 -4.35 40.16 -9.28
C LYS A 335 -4.20 38.64 -9.16
N MET A 336 -5.30 37.91 -9.35
CA MET A 336 -5.23 36.49 -9.66
C MET A 336 -5.76 36.25 -11.06
N ASP A 337 -5.25 35.21 -11.72
CA ASP A 337 -5.60 34.94 -13.09
C ASP A 337 -7.09 34.56 -13.20
N PRO A 338 -7.73 34.89 -14.32
CA PRO A 338 -9.16 34.56 -14.47
C PRO A 338 -9.46 33.08 -14.38
N ASP A 339 -8.53 32.21 -14.77
CA ASP A 339 -8.77 30.77 -14.69
C ASP A 339 -8.94 30.32 -13.24
N LYS A 340 -8.12 30.88 -12.34
CA LYS A 340 -8.23 30.54 -10.93
C LYS A 340 -9.61 30.90 -10.38
N PHE A 341 -10.08 32.12 -10.69
CA PHE A 341 -11.41 32.52 -10.25
C PHE A 341 -12.49 31.63 -10.86
N ASP A 342 -12.35 31.31 -12.16
CA ASP A 342 -13.37 30.52 -12.84
C ASP A 342 -13.49 29.13 -12.22
N LYS A 343 -12.36 28.49 -11.91
CA LYS A 343 -12.42 27.16 -11.34
C LYS A 343 -12.58 27.16 -9.82
N GLY A 344 -12.48 28.32 -9.16
CA GLY A 344 -12.66 28.36 -7.73
C GLY A 344 -14.01 28.84 -7.24
N TYR A 345 -14.51 29.95 -7.80
CA TYR A 345 -15.68 30.62 -7.25
C TYR A 345 -16.79 30.87 -8.26
N SER A 346 -16.53 30.65 -9.56
CA SER A 346 -17.59 30.81 -10.54
C SER A 346 -18.72 29.81 -10.31
N TYR A 347 -18.36 28.57 -9.94
CA TYR A 347 -19.38 27.58 -9.62
C TYR A 347 -20.22 28.02 -8.44
N ASN A 348 -19.57 28.55 -7.39
CA ASN A 348 -20.31 29.02 -6.22
C ASN A 348 -21.24 30.17 -6.59
N ILE A 349 -20.76 31.09 -7.41
CA ILE A 349 -21.60 32.23 -7.82
C ILE A 349 -22.81 31.72 -8.61
N ARG A 350 -22.58 30.79 -9.53
CA ARG A 350 -23.70 30.24 -10.32
C ARG A 350 -24.69 29.51 -9.42
N HIS A 351 -24.19 28.72 -8.47
CA HIS A 351 -25.07 28.00 -7.56
C HIS A 351 -25.86 28.94 -6.65
N SER A 352 -25.28 30.11 -6.34
CA SER A 352 -26.00 31.08 -5.53
C SER A 352 -27.25 31.59 -6.23
N PHE A 353 -27.26 31.58 -7.57
CA PHE A 353 -28.39 32.03 -8.34
C PHE A 353 -29.37 30.90 -8.67
N GLY A 354 -29.15 29.70 -8.15
CA GLY A 354 -30.00 28.58 -8.47
C GLY A 354 -29.88 28.15 -9.92
N LYS A 355 -28.66 28.19 -10.45
CA LYS A 355 -28.38 27.82 -11.83
C LYS A 355 -27.56 26.53 -11.95
N GLU A 356 -27.22 25.91 -10.82
CA GLU A 356 -26.43 24.69 -10.84
C GLU A 356 -26.76 23.88 -9.59
N GLY A 357 -26.59 22.57 -9.69
CA GLY A 357 -26.90 21.67 -8.59
C GLY A 357 -28.40 21.38 -8.53
N LYS A 358 -29.00 21.67 -7.38
CA LYS A 358 -30.45 21.54 -7.24
C LYS A 358 -31.20 22.61 -8.02
N ARG A 359 -30.51 23.65 -8.48
CA ARG A 359 -31.11 24.75 -9.22
C ARG A 359 -32.26 25.38 -8.42
N THR A 360 -32.01 25.52 -7.13
CA THR A 360 -32.97 26.10 -6.19
C THR A 360 -32.59 27.55 -5.92
N ASP A 361 -33.49 28.47 -6.24
CA ASP A 361 -33.27 29.89 -6.01
C ASP A 361 -33.22 30.16 -4.51
N TYR A 362 -32.35 31.07 -4.11
CA TYR A 362 -32.16 31.40 -2.71
C TYR A 362 -32.63 32.82 -2.42
N THR A 363 -33.12 33.01 -1.20
CA THR A 363 -33.56 34.28 -0.63
C THR A 363 -32.40 34.96 0.09
N PRO A 364 -32.19 36.26 -0.14
CA PRO A 364 -31.12 36.97 0.58
C PRO A 364 -31.34 36.90 2.08
N PHE A 365 -30.23 36.83 2.82
CA PHE A 365 -30.28 36.63 4.26
C PHE A 365 -31.12 37.72 4.93
N SER A 366 -32.05 37.28 5.78
CA SER A 366 -32.89 38.23 6.51
C SER A 366 -32.06 39.00 7.53
N CYS A 367 -32.53 40.20 7.86
CA CYS A 367 -31.82 41.04 8.83
C CYS A 367 -31.66 40.34 10.17
N LEU A 368 -32.66 39.54 10.58
CA LEU A 368 -32.55 38.82 11.84
C LEU A 368 -31.40 37.83 11.80
N LYS A 369 -31.25 37.09 10.70
CA LYS A 369 -30.14 36.15 10.57
C LYS A 369 -28.79 36.85 10.58
N ILE A 370 -28.66 37.97 9.86
CA ILE A 370 -27.40 38.70 9.83
C ILE A 370 -27.05 39.22 11.22
N ILE A 371 -28.06 39.72 11.94
CA ILE A 371 -27.80 40.20 13.30
C ILE A 371 -27.39 39.06 14.22
N LEU A 372 -28.10 37.93 14.15
CA LEU A 372 -27.88 36.83 15.09
C LEU A 372 -27.06 35.68 14.53
N SER A 373 -27.49 35.07 13.43
CA SER A 373 -26.85 33.88 12.88
C SER A 373 -25.49 34.22 12.29
N ASN A 374 -24.61 33.20 12.24
CA ASN A 374 -23.24 33.23 11.73
C ASN A 374 -22.53 34.52 12.11
N PRO A 375 -22.20 34.72 13.39
CA PRO A 375 -21.50 35.94 13.80
C PRO A 375 -20.14 36.02 13.13
N PRO A 376 -19.71 37.24 12.76
CA PRO A 376 -18.39 37.39 12.13
C PRO A 376 -17.26 37.16 13.12
N SER A 377 -16.09 36.86 12.56
CA SER A 377 -14.88 36.64 13.34
C SER A 377 -13.80 37.58 12.81
N GLN A 378 -12.57 37.37 13.26
CA GLN A 378 -11.46 38.19 12.80
C GLN A 378 -11.28 38.03 11.29
N GLY A 379 -11.12 39.15 10.59
CA GLY A 379 -11.03 39.16 9.15
C GLY A 379 -12.36 39.17 8.43
N ASP A 380 -13.47 39.12 9.15
CA ASP A 380 -14.80 39.15 8.55
C ASP A 380 -15.42 40.53 8.76
N TYR A 381 -15.95 41.10 7.68
CA TYR A 381 -16.54 42.43 7.72
C TYR A 381 -18.07 42.39 7.62
N HIS A 382 -18.66 41.20 7.51
CA HIS A 382 -20.10 41.09 7.42
C HIS A 382 -20.73 41.15 8.82
N GLY A 383 -22.06 41.12 8.87
CA GLY A 383 -22.79 41.22 10.11
C GLY A 383 -23.26 42.64 10.38
N CYS A 384 -24.04 42.77 11.45
CA CYS A 384 -24.63 44.04 11.82
C CYS A 384 -23.62 44.87 12.60
N PRO A 385 -23.21 46.05 12.10
CA PRO A 385 -22.30 46.89 12.88
C PRO A 385 -22.87 47.33 14.22
N PHE A 386 -24.19 47.53 14.30
CA PHE A 386 -24.82 47.94 15.55
C PHE A 386 -24.75 46.87 16.63
N ARG A 387 -24.39 45.64 16.28
CA ARG A 387 -24.25 44.55 17.24
C ARG A 387 -22.85 43.98 17.25
N HIS A 388 -22.16 43.98 16.11
CA HIS A 388 -20.84 43.36 16.05
C HIS A 388 -19.71 44.40 16.11
N SER A 389 -19.83 45.49 15.36
CA SER A 389 -18.78 46.51 15.35
C SER A 389 -18.74 47.24 16.70
N ASP A 390 -17.53 47.56 17.15
CA ASP A 390 -17.36 48.23 18.42
C ASP A 390 -17.86 49.68 18.34
N PRO A 391 -18.52 50.16 19.40
CA PRO A 391 -19.05 51.54 19.36
C PRO A 391 -17.99 52.61 19.17
N GLU A 392 -16.78 52.43 19.72
CA GLU A 392 -15.75 53.44 19.57
C GLU A 392 -15.32 53.64 18.12
N LEU A 393 -15.17 52.57 17.34
CA LEU A 393 -14.96 52.70 15.90
C LEU A 393 -16.22 53.08 15.15
N LEU A 394 -17.39 52.69 15.65
CA LEU A 394 -18.64 53.14 15.04
C LEU A 394 -18.79 54.65 15.10
N LYS A 395 -18.22 55.29 16.12
CA LYS A 395 -18.29 56.75 16.21
C LYS A 395 -17.61 57.41 15.01
N GLN A 396 -16.36 57.03 14.73
CA GLN A 396 -15.69 57.57 13.55
C GLN A 396 -16.30 57.07 12.26
N LYS A 397 -16.89 55.88 12.24
CA LYS A 397 -17.60 55.41 11.04
C LYS A 397 -18.78 56.32 10.73
N LEU A 398 -19.54 56.71 11.75
CA LEU A 398 -20.66 57.63 11.53
C LEU A 398 -20.17 59.03 11.22
N GLN A 399 -19.03 59.43 11.80
CA GLN A 399 -18.43 60.70 11.43
C GLN A 399 -18.08 60.75 9.95
N SER A 400 -17.53 59.65 9.43
CA SER A 400 -17.30 59.53 8.00
C SER A 400 -18.60 59.50 7.20
N TYR A 401 -19.73 59.18 7.84
CA TYR A 401 -21.03 59.17 7.20
C TYR A 401 -21.82 60.44 7.48
N LYS A 402 -21.13 61.51 7.90
CA LYS A 402 -21.74 62.81 8.25
C LYS A 402 -23.03 62.64 9.04
N ILE A 403 -22.97 61.83 10.09
CA ILE A 403 -24.11 61.56 10.97
C ILE A 403 -24.09 62.61 12.09
N SER A 404 -25.27 63.13 12.41
CA SER A 404 -25.39 64.14 13.45
C SER A 404 -25.03 63.53 14.81
N PRO A 405 -24.42 64.31 15.71
CA PRO A 405 -24.06 63.77 17.03
C PRO A 405 -25.24 63.28 17.83
N GLY A 406 -26.41 63.92 17.70
CA GLY A 406 -27.58 63.44 18.39
C GLY A 406 -28.01 62.06 17.93
N GLY A 407 -28.00 61.83 16.61
CA GLY A 407 -28.29 60.52 16.10
C GLY A 407 -27.28 59.48 16.55
N ILE A 408 -26.01 59.86 16.62
CA ILE A 408 -24.97 58.95 17.10
C ILE A 408 -25.24 58.56 18.55
N SER A 409 -25.58 59.56 19.38
CA SER A 409 -25.88 59.27 20.78
C SER A 409 -27.10 58.38 20.93
N GLN A 410 -28.14 58.64 20.13
CA GLN A 410 -29.33 57.79 20.17
C GLN A 410 -29.01 56.37 19.74
N ILE A 411 -28.20 56.21 18.69
CA ILE A 411 -27.83 54.87 18.23
C ILE A 411 -27.01 54.15 19.30
N LEU A 412 -26.08 54.86 19.94
CA LEU A 412 -25.29 54.24 21.00
C LEU A 412 -26.16 53.83 22.18
N ASP A 413 -27.13 54.67 22.56
CA ASP A 413 -28.04 54.33 23.64
C ASP A 413 -28.88 53.11 23.29
N LEU A 414 -29.38 53.04 22.06
CA LEU A 414 -30.15 51.87 21.63
C LEU A 414 -29.29 50.61 21.62
N VAL A 415 -28.04 50.74 21.20
CA VAL A 415 -27.12 49.59 21.20
C VAL A 415 -26.89 49.10 22.62
N LYS A 416 -26.66 50.03 23.56
CA LYS A 416 -26.51 49.65 24.96
C LYS A 416 -27.79 49.03 25.51
N GLY A 417 -28.94 49.40 24.94
CA GLY A 417 -30.22 48.84 25.32
C GLY A 417 -30.62 47.59 24.55
N THR A 418 -29.66 46.93 23.88
CA THR A 418 -29.92 45.74 23.07
C THR A 418 -30.99 45.99 22.00
N HIS A 419 -30.93 47.16 21.37
CA HIS A 419 -31.85 47.52 20.29
C HIS A 419 -31.04 47.63 19.01
N TYR A 420 -31.40 46.81 18.02
CA TYR A 420 -30.68 46.81 16.75
C TYR A 420 -31.57 47.16 15.58
N GLN A 421 -32.75 46.52 15.50
CA GLN A 421 -33.67 46.80 14.40
C GLN A 421 -34.18 48.23 14.47
N VAL A 422 -34.66 48.66 15.64
CA VAL A 422 -35.11 50.04 15.78
C VAL A 422 -33.95 51.01 15.69
N ALA A 423 -32.74 50.59 16.07
CA ALA A 423 -31.58 51.44 15.90
C ALA A 423 -31.31 51.72 14.43
N CYS A 424 -31.33 50.67 13.59
CA CYS A 424 -31.16 50.89 12.16
C CYS A 424 -32.35 51.64 11.57
N GLN A 425 -33.54 51.46 12.14
CA GLN A 425 -34.69 52.24 11.71
C GLN A 425 -34.46 53.73 11.93
N LYS A 426 -34.00 54.10 13.12
CA LYS A 426 -33.70 55.50 13.41
C LYS A 426 -32.56 56.01 12.53
N TYR A 427 -31.56 55.15 12.27
CA TYR A 427 -30.48 55.51 11.36
C TYR A 427 -31.03 55.87 9.98
N PHE A 428 -31.89 55.00 9.43
CA PHE A 428 -32.51 55.28 8.15
C PHE A 428 -33.34 56.57 8.22
N GLU A 429 -34.02 56.79 9.34
CA GLU A 429 -34.86 57.97 9.47
C GLU A 429 -34.04 59.25 9.38
N MET A 430 -32.95 59.38 10.16
CA MET A 430 -32.28 60.67 10.18
C MET A 430 -31.15 60.73 9.17
N ILE A 431 -30.96 59.66 8.37
CA ILE A 431 -30.17 59.82 7.14
C ILE A 431 -31.05 60.06 5.92
N HIS A 432 -32.34 59.75 5.99
CA HIS A 432 -33.25 59.91 4.88
C HIS A 432 -34.06 61.19 4.95
N ASN A 433 -33.80 62.04 5.94
CA ASN A 433 -34.53 63.30 6.13
C ASN A 433 -36.03 63.06 6.30
N VAL A 434 -36.36 61.98 7.00
CA VAL A 434 -37.75 61.62 7.29
C VAL A 434 -37.88 61.32 8.77
N ASP A 435 -38.96 61.81 9.37
CA ASP A 435 -39.20 61.57 10.79
C ASP A 435 -39.58 60.11 11.06
N ASP A 436 -40.45 59.56 10.22
CA ASP A 436 -40.92 58.19 10.38
C ASP A 436 -40.64 57.41 9.11
N CYS A 437 -40.04 56.23 9.27
CA CYS A 437 -39.74 55.38 8.12
C CYS A 437 -41.01 54.75 7.55
N GLY A 438 -41.88 54.26 8.43
CA GLY A 438 -43.14 53.66 7.99
C GLY A 438 -43.09 52.19 7.64
N PHE A 439 -42.11 51.45 8.14
CA PHE A 439 -42.02 50.02 7.86
C PHE A 439 -41.27 49.33 8.99
N SER A 440 -41.36 48.01 9.01
CA SER A 440 -40.67 47.18 9.99
C SER A 440 -39.44 46.56 9.34
N LEU A 441 -38.29 46.74 9.99
CA LEU A 441 -37.01 46.27 9.46
C LEU A 441 -36.88 44.76 9.65
N ASN A 442 -36.91 44.02 8.55
CA ASN A 442 -36.71 42.59 8.59
C ASN A 442 -35.79 42.07 7.49
N HIS A 443 -35.32 42.93 6.58
CA HIS A 443 -34.50 42.49 5.45
C HIS A 443 -33.72 43.66 4.88
N PRO A 444 -32.41 43.52 4.69
CA PRO A 444 -31.65 44.58 4.02
C PRO A 444 -32.15 44.88 2.62
N ASN A 445 -32.66 43.87 1.90
CA ASN A 445 -33.31 44.12 0.63
C ASN A 445 -34.55 44.98 0.82
N GLN A 446 -35.33 44.71 1.86
CA GLN A 446 -36.47 45.57 2.20
C GLN A 446 -36.00 46.97 2.55
N PHE A 447 -34.88 47.08 3.27
CA PHE A 447 -34.31 48.39 3.58
C PHE A 447 -34.01 49.17 2.32
N PHE A 448 -33.32 48.53 1.36
CA PHE A 448 -32.97 49.21 0.11
C PHE A 448 -34.21 49.57 -0.69
N CYS A 449 -35.19 48.68 -0.74
CA CYS A 449 -36.41 48.95 -1.49
C CYS A 449 -37.18 50.12 -0.88
N GLU A 450 -37.26 50.17 0.45
CA GLU A 450 -37.93 51.28 1.12
C GLU A 450 -37.19 52.59 0.90
N SER A 451 -35.86 52.55 0.92
CA SER A 451 -35.07 53.75 0.65
C SER A 451 -35.32 54.25 -0.77
N GLN A 452 -35.34 53.34 -1.74
CA GLN A 452 -35.59 53.72 -3.12
C GLN A 452 -37.02 54.19 -3.35
N ARG A 453 -37.98 53.66 -2.60
CA ARG A 453 -39.38 54.09 -2.77
C ARG A 453 -39.54 55.56 -2.41
N ILE A 454 -38.79 56.04 -1.44
CA ILE A 454 -38.86 57.45 -1.05
C ILE A 454 -37.94 58.31 -1.89
N LEU A 455 -36.70 57.85 -2.13
CA LEU A 455 -35.77 58.63 -2.94
C LEU A 455 -36.25 58.75 -4.39
N ASN A 456 -36.75 57.65 -4.95
CA ASN A 456 -37.18 57.65 -6.34
C ASN A 456 -38.70 57.56 -6.44
N GLU B 338 12.20 -55.42 4.26
CA GLU B 338 11.46 -55.15 3.03
C GLU B 338 12.20 -54.16 2.15
N GLN B 339 11.46 -53.23 1.56
CA GLN B 339 12.06 -52.22 0.69
C GLN B 339 11.59 -50.84 1.13
N VAL B 340 12.51 -49.89 1.19
CA VAL B 340 12.20 -48.53 1.62
C VAL B 340 13.24 -47.59 1.02
N PHE B 341 12.79 -46.45 0.52
CA PHE B 341 13.67 -45.48 -0.09
C PHE B 341 13.34 -44.09 0.45
N HIS B 342 14.38 -43.29 0.65
CA HIS B 342 14.22 -41.93 1.16
C HIS B 342 13.73 -41.00 0.05
N PHE B 343 13.22 -39.85 0.45
CA PHE B 343 12.64 -38.90 -0.50
C PHE B 343 12.65 -37.52 0.13
N TYR B 344 12.86 -36.51 -0.72
CA TYR B 344 12.90 -35.11 -0.29
C TYR B 344 11.93 -34.32 -1.18
N TRP B 345 10.71 -34.15 -0.69
CA TRP B 345 9.65 -33.47 -1.45
C TRP B 345 9.89 -31.97 -1.49
N LEU B 346 9.42 -31.34 -2.56
CA LEU B 346 9.59 -29.91 -2.73
C LEU B 346 8.29 -29.22 -3.12
N ASP B 347 7.37 -29.97 -3.74
CA ASP B 347 6.13 -29.37 -4.22
C ASP B 347 5.03 -30.42 -4.21
N ALA B 348 3.79 -29.95 -4.24
CA ALA B 348 2.62 -30.80 -4.23
C ALA B 348 1.59 -30.29 -5.23
N TYR B 349 0.71 -31.18 -5.65
CA TYR B 349 -0.33 -30.83 -6.61
C TYR B 349 -1.49 -31.82 -6.50
N GLU B 350 -2.70 -31.32 -6.68
CA GLU B 350 -3.89 -32.15 -6.68
C GLU B 350 -4.95 -31.52 -7.57
N ASP B 351 -5.92 -32.34 -8.00
CA ASP B 351 -7.02 -31.88 -8.84
C ASP B 351 -8.27 -32.69 -8.44
N GLN B 352 -9.15 -32.06 -7.66
CA GLN B 352 -10.36 -32.74 -7.20
C GLN B 352 -11.29 -33.08 -8.36
N TYR B 353 -11.47 -32.16 -9.30
CA TYR B 353 -12.42 -32.39 -10.39
C TYR B 353 -12.02 -33.55 -11.28
N ASN B 354 -10.73 -33.67 -11.60
CA ASN B 354 -10.23 -34.70 -12.50
C ASN B 354 -9.95 -36.02 -11.82
N GLN B 355 -9.06 -36.03 -10.81
CA GLN B 355 -8.71 -37.24 -10.07
C GLN B 355 -8.92 -36.97 -8.58
N PRO B 356 -10.12 -37.23 -8.07
CA PRO B 356 -10.37 -37.02 -6.65
C PRO B 356 -9.60 -38.01 -5.79
N GLY B 357 -9.25 -37.57 -4.58
CA GLY B 357 -8.56 -38.44 -3.64
C GLY B 357 -7.18 -38.90 -4.05
N VAL B 358 -6.34 -37.99 -4.54
CA VAL B 358 -4.96 -38.30 -4.88
C VAL B 358 -4.13 -37.03 -4.77
N VAL B 359 -2.87 -37.18 -4.38
CA VAL B 359 -1.93 -36.07 -4.24
C VAL B 359 -0.62 -36.46 -4.90
N PHE B 360 -0.07 -35.54 -5.69
CA PHE B 360 1.20 -35.76 -6.36
C PHE B 360 2.31 -35.00 -5.64
N LEU B 361 3.42 -35.69 -5.41
CA LEU B 361 4.56 -35.12 -4.72
C LEU B 361 5.79 -35.25 -5.60
N PHE B 362 6.52 -34.15 -5.76
CA PHE B 362 7.74 -34.10 -6.57
C PHE B 362 8.92 -33.72 -5.70
N GLY B 363 10.09 -34.23 -6.05
CA GLY B 363 11.28 -33.95 -5.27
C GLY B 363 12.54 -34.63 -5.78
N LYS B 364 13.52 -34.82 -4.90
CA LYS B 364 14.81 -35.39 -5.25
C LYS B 364 15.00 -36.74 -4.56
N VAL B 365 15.76 -37.62 -5.22
CA VAL B 365 16.12 -38.91 -4.67
C VAL B 365 17.62 -39.11 -4.86
N TRP B 366 18.19 -40.00 -4.05
CA TRP B 366 19.62 -40.26 -4.06
C TRP B 366 19.90 -41.60 -4.73
N ILE B 367 20.81 -41.60 -5.69
CA ILE B 367 21.22 -42.80 -6.41
C ILE B 367 22.70 -43.03 -6.17
N GLU B 368 23.05 -44.23 -5.68
CA GLU B 368 24.44 -44.53 -5.37
C GLU B 368 25.27 -44.77 -6.63
N SER B 369 24.71 -45.46 -7.63
CA SER B 369 25.47 -45.75 -8.84
C SER B 369 25.85 -44.47 -9.59
N ALA B 370 24.93 -43.51 -9.66
CA ALA B 370 25.19 -42.26 -10.35
C ALA B 370 25.75 -41.18 -9.42
N GLU B 371 25.86 -41.47 -8.12
CA GLU B 371 26.38 -40.56 -7.10
C GLU B 371 25.88 -39.14 -7.25
N THR B 372 24.60 -38.97 -7.64
CA THR B 372 24.03 -37.65 -7.81
C THR B 372 22.53 -37.74 -7.55
N HIS B 373 21.93 -36.57 -7.30
CA HIS B 373 20.51 -36.49 -7.04
C HIS B 373 19.76 -36.23 -8.34
N VAL B 374 18.64 -36.95 -8.52
CA VAL B 374 17.80 -36.82 -9.70
C VAL B 374 16.37 -36.55 -9.25
N SER B 375 15.59 -35.97 -10.16
CA SER B 375 14.19 -35.66 -9.89
C SER B 375 13.37 -36.94 -9.78
N CYS B 376 12.39 -36.92 -8.89
CA CYS B 376 11.54 -38.08 -8.67
C CYS B 376 10.15 -37.62 -8.26
N CYS B 377 9.16 -38.48 -8.52
CA CYS B 377 7.78 -38.22 -8.15
C CYS B 377 7.20 -39.46 -7.48
N VAL B 378 6.26 -39.25 -6.58
CA VAL B 378 5.62 -40.34 -5.84
C VAL B 378 4.12 -40.07 -5.78
N MET B 379 3.32 -41.12 -5.98
CA MET B 379 1.87 -41.02 -5.96
C MET B 379 1.33 -41.61 -4.67
N VAL B 380 0.44 -40.88 -4.01
CA VAL B 380 -0.28 -41.35 -2.84
C VAL B 380 -1.77 -41.31 -3.13
N LYS B 381 -2.44 -42.43 -2.97
CA LYS B 381 -3.86 -42.56 -3.28
C LYS B 381 -4.63 -42.94 -2.03
N ASN B 382 -5.93 -43.18 -2.22
CA ASN B 382 -6.83 -43.63 -1.15
C ASN B 382 -6.87 -42.64 0.01
N ILE B 383 -6.83 -41.35 -0.31
CA ILE B 383 -7.01 -40.31 0.69
C ILE B 383 -8.51 -40.11 0.89
N GLU B 384 -8.95 -40.26 2.13
CA GLU B 384 -10.38 -40.27 2.44
C GLU B 384 -10.76 -39.07 3.29
N ARG B 385 -11.97 -38.57 3.05
CA ARG B 385 -12.48 -37.43 3.80
C ARG B 385 -12.80 -37.83 5.25
N THR B 386 -12.82 -36.82 6.12
CA THR B 386 -13.17 -37.00 7.51
C THR B 386 -14.29 -36.04 7.88
N LEU B 387 -15.24 -36.52 8.67
CA LEU B 387 -16.38 -35.73 9.08
C LEU B 387 -16.53 -35.80 10.59
N TYR B 388 -17.09 -34.74 11.18
CA TYR B 388 -17.34 -34.66 12.61
C TYR B 388 -18.79 -34.27 12.83
N PHE B 389 -19.57 -35.18 13.42
CA PHE B 389 -20.98 -34.94 13.70
C PHE B 389 -21.14 -34.60 15.18
N LEU B 390 -21.73 -33.44 15.46
CA LEU B 390 -21.96 -33.02 16.84
C LEU B 390 -23.30 -33.54 17.31
N PRO B 391 -23.35 -34.47 18.26
CA PRO B 391 -24.64 -34.99 18.71
C PRO B 391 -25.45 -33.92 19.45
N ARG B 392 -26.76 -34.00 19.32
CA ARG B 392 -27.65 -33.08 20.02
C ARG B 392 -28.03 -33.66 21.38
N GLU B 393 -27.97 -32.80 22.40
CA GLU B 393 -28.34 -33.21 23.74
C GLU B 393 -29.81 -33.59 23.86
N MET B 394 -30.66 -33.11 22.94
CA MET B 394 -32.07 -33.45 22.95
C MET B 394 -32.58 -33.35 21.51
N LYS B 395 -33.14 -34.44 21.01
CA LYS B 395 -33.63 -34.51 19.64
C LYS B 395 -34.85 -33.60 19.48
N ILE B 396 -35.00 -33.05 18.28
CA ILE B 396 -36.08 -32.13 17.96
C ILE B 396 -36.61 -32.47 16.57
N ASP B 397 -37.93 -32.49 16.42
CA ASP B 397 -38.53 -32.76 15.12
C ASP B 397 -38.31 -31.58 14.19
N LEU B 398 -38.32 -31.86 12.89
CA LEU B 398 -38.06 -30.84 11.87
C LEU B 398 -39.30 -29.99 11.56
N ASN B 399 -40.33 -30.07 12.39
CA ASN B 399 -41.55 -29.29 12.20
C ASN B 399 -41.83 -28.34 13.35
N THR B 400 -41.66 -28.79 14.60
CA THR B 400 -41.94 -27.94 15.74
C THR B 400 -40.90 -28.08 16.84
N GLY B 401 -39.85 -28.85 16.62
CA GLY B 401 -38.83 -29.04 17.64
C GLY B 401 -39.32 -29.71 18.91
N LYS B 402 -40.12 -30.76 18.78
CA LYS B 402 -40.70 -31.45 19.93
C LYS B 402 -39.64 -32.38 20.52
N GLU B 403 -39.58 -32.43 21.85
CA GLU B 403 -38.68 -33.34 22.56
C GLU B 403 -39.53 -34.35 23.32
N THR B 404 -39.43 -35.63 22.94
CA THR B 404 -40.25 -36.65 23.56
C THR B 404 -39.87 -36.86 25.02
N GLY B 405 -38.57 -36.96 25.31
CA GLY B 405 -38.12 -37.19 26.67
C GLY B 405 -36.96 -38.16 26.76
N THR B 406 -36.77 -38.95 25.72
CA THR B 406 -35.70 -39.95 25.71
C THR B 406 -34.36 -39.27 25.45
N PRO B 407 -33.34 -39.50 26.29
CA PRO B 407 -32.03 -38.92 26.03
C PRO B 407 -31.39 -39.50 24.79
N ILE B 408 -30.49 -38.72 24.20
CA ILE B 408 -29.86 -39.09 22.94
C ILE B 408 -28.52 -39.77 23.23
N SER B 409 -28.35 -40.99 22.73
CA SER B 409 -27.12 -41.74 22.88
C SER B 409 -26.30 -41.69 21.59
N MET B 410 -25.05 -42.12 21.69
CA MET B 410 -24.16 -42.12 20.53
C MET B 410 -24.66 -43.07 19.45
N LYS B 411 -25.17 -44.23 19.86
CA LYS B 411 -25.67 -45.21 18.90
C LYS B 411 -26.88 -44.66 18.13
N ASP B 412 -27.65 -43.76 18.74
CA ASP B 412 -28.75 -43.12 18.02
C ASP B 412 -28.22 -42.29 16.86
N VAL B 413 -27.16 -41.52 17.09
CA VAL B 413 -26.55 -40.74 16.01
C VAL B 413 -25.96 -41.67 14.96
N TYR B 414 -25.33 -42.76 15.40
CA TYR B 414 -24.77 -43.71 14.45
C TYR B 414 -25.85 -44.31 13.54
N GLU B 415 -26.99 -44.67 14.13
CA GLU B 415 -28.09 -45.21 13.34
C GLU B 415 -28.69 -44.15 12.42
N GLU B 416 -28.80 -42.91 12.91
CA GLU B 416 -29.33 -41.84 12.07
C GLU B 416 -28.44 -41.62 10.85
N PHE B 417 -27.13 -41.61 11.04
CA PHE B 417 -26.22 -41.49 9.91
C PHE B 417 -26.29 -42.73 9.01
N ASP B 418 -26.47 -43.90 9.62
CA ASP B 418 -26.40 -45.15 8.86
C ASP B 418 -27.60 -45.33 7.94
N GLU B 419 -28.81 -45.10 8.45
CA GLU B 419 -29.99 -45.49 7.70
C GLU B 419 -30.69 -44.31 7.01
N LYS B 420 -30.26 -43.08 7.27
CA LYS B 420 -30.89 -41.91 6.68
C LYS B 420 -29.95 -41.14 5.76
N ILE B 421 -28.77 -40.74 6.25
CA ILE B 421 -27.87 -39.92 5.44
C ILE B 421 -27.25 -40.76 4.32
N ALA B 422 -26.79 -41.97 4.66
CA ALA B 422 -26.07 -42.78 3.68
C ALA B 422 -26.95 -43.16 2.50
N THR B 423 -28.20 -43.56 2.78
CA THR B 423 -29.09 -43.99 1.69
C THR B 423 -29.43 -42.84 0.75
N LYS B 424 -29.68 -41.66 1.31
CA LYS B 424 -30.09 -40.52 0.48
C LYS B 424 -28.98 -40.05 -0.45
N TYR B 425 -27.73 -40.02 0.04
CA TYR B 425 -26.62 -39.47 -0.73
C TYR B 425 -25.73 -40.56 -1.32
N LYS B 426 -26.18 -41.82 -1.29
CA LYS B 426 -25.48 -42.95 -1.93
C LYS B 426 -24.05 -43.10 -1.38
N ILE B 427 -23.97 -43.42 -0.09
CA ILE B 427 -22.71 -43.72 0.57
C ILE B 427 -22.69 -45.22 0.85
N MET B 428 -21.68 -45.92 0.34
CA MET B 428 -21.66 -47.37 0.41
C MET B 428 -20.89 -47.87 1.63
N LYS B 429 -19.60 -47.52 1.71
CA LYS B 429 -18.73 -48.02 2.76
C LYS B 429 -18.13 -46.85 3.54
N PHE B 430 -18.08 -47.01 4.86
CA PHE B 430 -17.52 -45.97 5.72
C PHE B 430 -17.08 -46.60 7.04
N LYS B 431 -16.22 -45.88 7.75
CA LYS B 431 -15.75 -46.27 9.08
C LYS B 431 -16.09 -45.17 10.06
N SER B 432 -16.58 -45.54 11.24
CA SER B 432 -17.01 -44.57 12.24
C SER B 432 -16.50 -44.96 13.62
N LYS B 433 -16.21 -43.95 14.42
CA LYS B 433 -15.76 -44.15 15.80
C LYS B 433 -15.86 -42.82 16.52
N PRO B 434 -16.18 -42.84 17.82
CA PRO B 434 -16.27 -41.59 18.57
C PRO B 434 -14.93 -41.12 19.07
N VAL B 435 -14.78 -39.80 19.16
CA VAL B 435 -13.55 -39.15 19.61
C VAL B 435 -13.91 -37.92 20.44
N GLU B 436 -12.87 -37.27 20.95
CA GLU B 436 -13.01 -36.05 21.75
C GLU B 436 -12.35 -34.90 21.01
N LYS B 437 -13.00 -33.74 20.99
CA LYS B 437 -12.49 -32.57 20.29
C LYS B 437 -12.87 -31.33 21.07
N ASN B 438 -12.13 -30.24 20.80
CA ASN B 438 -12.35 -28.96 21.44
C ASN B 438 -12.61 -27.90 20.38
N TYR B 439 -13.67 -27.10 20.60
CA TYR B 439 -14.03 -26.03 19.68
C TYR B 439 -14.03 -24.72 20.44
N ALA B 440 -13.31 -23.72 19.92
CA ALA B 440 -13.21 -22.42 20.58
C ALA B 440 -13.30 -21.27 19.58
N PHE B 441 -14.27 -21.31 18.67
CA PHE B 441 -14.36 -20.32 17.60
C PHE B 441 -15.73 -19.64 17.62
N GLU B 442 -16.00 -18.86 16.58
CA GLU B 442 -17.12 -17.92 16.58
C GLU B 442 -18.48 -18.59 16.46
N ILE B 443 -18.54 -19.83 15.99
CA ILE B 443 -19.81 -20.52 15.83
C ILE B 443 -20.42 -20.77 17.21
N PRO B 444 -21.63 -20.31 17.47
CA PRO B 444 -22.22 -20.45 18.80
C PRO B 444 -22.94 -21.79 18.94
N ASP B 445 -23.55 -21.98 20.11
CA ASP B 445 -24.34 -23.18 20.42
C ASP B 445 -23.48 -24.44 20.32
N VAL B 446 -22.21 -24.31 20.67
CA VAL B 446 -21.28 -25.44 20.66
C VAL B 446 -20.50 -25.45 21.97
N PRO B 447 -20.55 -26.54 22.74
CA PRO B 447 -19.76 -26.61 23.97
C PRO B 447 -18.28 -26.65 23.68
N GLU B 448 -17.50 -26.18 24.65
CA GLU B 448 -16.04 -26.13 24.48
C GLU B 448 -15.46 -27.52 24.31
N LYS B 449 -15.91 -28.48 25.12
CA LYS B 449 -15.45 -29.86 25.03
C LYS B 449 -16.64 -30.79 24.92
N SER B 450 -16.64 -31.63 23.90
CA SER B 450 -17.72 -32.59 23.69
C SER B 450 -17.23 -33.69 22.77
N GLU B 451 -18.00 -34.78 22.72
CA GLU B 451 -17.71 -35.90 21.85
C GLU B 451 -18.30 -35.66 20.47
N TYR B 452 -17.69 -36.26 19.46
CA TYR B 452 -18.12 -36.13 18.08
C TYR B 452 -18.12 -37.50 17.41
N LEU B 453 -18.91 -37.62 16.34
CA LEU B 453 -18.98 -38.83 15.54
C LEU B 453 -18.07 -38.66 14.33
N GLU B 454 -16.90 -39.29 14.39
CA GLU B 454 -15.91 -39.19 13.33
C GLU B 454 -16.15 -40.33 12.33
N VAL B 455 -16.57 -39.97 11.13
CA VAL B 455 -16.81 -40.94 10.07
C VAL B 455 -15.92 -40.61 8.88
N LYS B 456 -15.32 -41.67 8.31
CA LYS B 456 -14.39 -41.51 7.19
C LYS B 456 -14.85 -42.35 6.01
N TYR B 457 -14.76 -41.77 4.81
CA TYR B 457 -15.10 -42.48 3.60
C TYR B 457 -14.29 -41.91 2.45
N SER B 458 -14.16 -42.68 1.37
CA SER B 458 -13.35 -42.30 0.23
C SER B 458 -13.94 -41.08 -0.47
N ALA B 459 -13.06 -40.28 -1.06
CA ALA B 459 -13.46 -39.04 -1.74
C ALA B 459 -14.28 -39.28 -3.00
N GLU B 460 -14.29 -40.51 -3.53
CA GLU B 460 -15.05 -40.83 -4.72
C GLU B 460 -16.55 -40.63 -4.56
N MET B 461 -17.12 -41.01 -3.43
CA MET B 461 -18.53 -40.76 -3.17
C MET B 461 -18.79 -39.27 -3.04
N PRO B 462 -20.02 -38.82 -3.34
CA PRO B 462 -20.28 -37.37 -3.38
C PRO B 462 -20.14 -36.69 -2.03
N GLN B 463 -20.28 -35.37 -2.02
CA GLN B 463 -20.00 -34.54 -0.86
C GLN B 463 -21.30 -34.04 -0.25
N LEU B 464 -21.41 -34.18 1.08
CA LEU B 464 -22.60 -33.74 1.79
C LEU B 464 -22.68 -32.22 1.83
N PRO B 465 -23.88 -31.67 1.96
CA PRO B 465 -24.03 -30.21 2.08
C PRO B 465 -23.38 -29.68 3.35
N GLN B 466 -22.91 -28.43 3.25
CA GLN B 466 -22.18 -27.82 4.36
C GLN B 466 -23.06 -27.54 5.57
N ASP B 467 -24.35 -27.30 5.38
CA ASP B 467 -25.27 -26.93 6.45
C ASP B 467 -26.31 -28.00 6.69
N LEU B 468 -25.90 -29.27 6.66
CA LEU B 468 -26.81 -30.36 6.91
C LEU B 468 -27.26 -30.37 8.36
N LYS B 469 -28.54 -30.69 8.59
CA LYS B 469 -29.10 -30.79 9.93
C LYS B 469 -29.93 -32.06 10.01
N GLY B 470 -30.05 -32.58 11.23
CA GLY B 470 -30.76 -33.82 11.44
C GLY B 470 -31.50 -33.92 12.75
N GLU B 471 -32.14 -35.07 12.99
CA GLU B 471 -32.92 -35.25 14.20
C GLU B 471 -32.04 -35.29 15.43
N THR B 472 -30.89 -35.95 15.34
CA THR B 472 -30.04 -36.20 16.50
C THR B 472 -28.72 -35.44 16.47
N PHE B 473 -28.39 -34.77 15.37
CA PHE B 473 -27.17 -33.99 15.27
C PHE B 473 -27.50 -32.56 14.87
N SER B 474 -26.76 -31.61 15.43
CA SER B 474 -27.05 -30.20 15.21
C SER B 474 -26.16 -29.57 14.14
N HIS B 475 -24.97 -30.11 13.92
CA HIS B 475 -24.05 -29.53 12.96
C HIS B 475 -23.05 -30.58 12.50
N VAL B 476 -22.40 -30.30 11.38
CA VAL B 476 -21.38 -31.17 10.81
C VAL B 476 -20.19 -30.31 10.40
N PHE B 477 -18.98 -30.78 10.69
CA PHE B 477 -17.76 -30.04 10.42
C PHE B 477 -16.89 -30.79 9.41
N GLY B 478 -16.09 -30.03 8.68
CA GLY B 478 -15.16 -30.61 7.72
C GLY B 478 -15.78 -31.31 6.55
N THR B 479 -16.82 -30.75 5.94
CA THR B 479 -17.44 -31.39 4.78
C THR B 479 -16.61 -31.19 3.52
N ASN B 480 -15.99 -30.03 3.36
CA ASN B 480 -15.31 -29.66 2.12
C ASN B 480 -13.81 -29.41 2.33
N THR B 481 -13.19 -30.14 3.24
CA THR B 481 -11.75 -30.00 3.43
C THR B 481 -10.99 -30.53 2.22
N SER B 482 -9.96 -29.81 1.81
CA SER B 482 -9.15 -30.21 0.68
C SER B 482 -8.31 -31.45 1.02
N SER B 483 -8.08 -32.27 -0.01
CA SER B 483 -7.30 -33.50 0.19
C SER B 483 -5.86 -33.18 0.56
N LEU B 484 -5.26 -32.19 -0.11
CA LEU B 484 -3.87 -31.83 0.18
C LEU B 484 -3.72 -31.34 1.62
N GLU B 485 -4.63 -30.45 2.04
CA GLU B 485 -4.58 -29.93 3.41
C GLU B 485 -4.77 -31.06 4.43
N LEU B 486 -5.74 -31.95 4.16
CA LEU B 486 -5.97 -33.06 5.08
C LEU B 486 -4.75 -33.95 5.19
N PHE B 487 -4.11 -34.27 4.06
CA PHE B 487 -2.90 -35.09 4.07
C PHE B 487 -1.79 -34.41 4.85
N LEU B 488 -1.59 -33.11 4.61
CA LEU B 488 -0.51 -32.38 5.28
C LEU B 488 -0.73 -32.34 6.79
N MET B 489 -1.96 -32.10 7.23
CA MET B 489 -2.21 -32.01 8.66
C MET B 489 -2.19 -33.40 9.31
N ASN B 490 -2.59 -34.43 8.59
CA ASN B 490 -2.56 -35.78 9.15
C ASN B 490 -1.13 -36.29 9.31
N ARG B 491 -0.26 -35.99 8.34
CA ARG B 491 1.11 -36.48 8.40
C ARG B 491 2.07 -35.51 9.09
N LYS B 492 1.59 -34.33 9.49
CA LYS B 492 2.39 -33.35 10.24
C LYS B 492 3.68 -33.00 9.49
N ILE B 493 3.51 -32.43 8.30
CA ILE B 493 4.63 -32.02 7.45
C ILE B 493 4.69 -30.51 7.45
N LYS B 494 5.87 -29.96 7.77
CA LYS B 494 6.08 -28.52 7.85
C LYS B 494 7.15 -28.15 6.82
N GLY B 495 6.70 -27.80 5.61
CA GLY B 495 7.60 -27.38 4.56
C GLY B 495 8.42 -28.53 4.00
N PRO B 496 9.39 -28.21 3.15
CA PRO B 496 10.26 -29.25 2.60
C PRO B 496 11.01 -29.98 3.70
N CYS B 497 11.13 -31.29 3.55
CA CYS B 497 11.82 -32.14 4.52
C CYS B 497 12.03 -33.51 3.88
N TRP B 498 12.90 -34.30 4.49
CA TRP B 498 13.17 -35.66 4.04
C TRP B 498 12.03 -36.57 4.46
N LEU B 499 11.52 -37.36 3.53
CA LEU B 499 10.39 -38.25 3.77
C LEU B 499 10.78 -39.69 3.49
N GLU B 500 10.18 -40.61 4.22
CA GLU B 500 10.41 -42.04 4.04
C GLU B 500 9.13 -42.71 3.58
N VAL B 501 9.19 -43.41 2.45
CA VAL B 501 8.04 -44.10 1.88
C VAL B 501 8.18 -45.58 2.19
N LYS B 502 7.13 -46.17 2.75
CA LYS B 502 7.13 -47.57 3.14
C LYS B 502 6.36 -48.40 2.12
N SER B 503 6.98 -49.50 1.69
CA SER B 503 6.42 -50.44 0.72
C SER B 503 6.06 -49.73 -0.59
N PRO B 504 7.05 -49.28 -1.35
CA PRO B 504 6.74 -48.64 -2.63
C PRO B 504 6.18 -49.61 -3.64
N GLN B 505 5.39 -49.08 -4.56
CA GLN B 505 4.77 -49.87 -5.62
C GLN B 505 5.08 -49.26 -6.97
N LEU B 506 5.34 -50.12 -7.95
CA LEU B 506 5.65 -49.68 -9.30
C LEU B 506 4.39 -49.18 -10.01
N LEU B 507 4.61 -48.34 -11.01
CA LEU B 507 3.53 -47.78 -11.81
C LEU B 507 3.45 -48.48 -13.16
N ASN B 508 2.23 -48.89 -13.53
CA ASN B 508 2.04 -49.57 -14.81
C ASN B 508 2.34 -48.64 -15.98
N GLN B 509 1.84 -47.41 -15.92
CA GLN B 509 2.02 -46.43 -16.98
C GLN B 509 2.65 -45.17 -16.39
N PRO B 510 3.75 -44.70 -16.97
CA PRO B 510 4.39 -43.46 -16.49
C PRO B 510 3.42 -42.28 -16.60
N VAL B 511 3.48 -41.39 -15.62
CA VAL B 511 2.59 -40.23 -15.58
C VAL B 511 3.34 -38.91 -15.49
N SER B 512 4.67 -38.94 -15.30
CA SER B 512 5.46 -37.73 -15.16
C SER B 512 6.76 -37.88 -15.94
N TRP B 513 7.38 -36.73 -16.23
CA TRP B 513 8.64 -36.69 -16.94
C TRP B 513 9.85 -36.92 -16.03
N CYS B 514 9.64 -37.37 -14.80
CA CYS B 514 10.74 -37.59 -13.88
C CYS B 514 11.47 -38.88 -14.21
N LYS B 515 12.68 -39.01 -13.65
CA LYS B 515 13.48 -40.20 -13.85
C LYS B 515 12.99 -41.40 -13.05
N VAL B 516 12.52 -41.19 -11.81
CA VAL B 516 12.07 -42.26 -10.95
C VAL B 516 10.67 -41.96 -10.45
N GLU B 517 9.86 -43.01 -10.36
CA GLU B 517 8.48 -42.90 -9.90
C GLU B 517 8.22 -43.92 -8.81
N ALA B 518 7.22 -43.63 -7.97
CA ALA B 518 6.86 -44.52 -6.88
C ALA B 518 5.38 -44.32 -6.57
N MET B 519 4.80 -45.31 -5.88
CA MET B 519 3.38 -45.27 -5.55
C MET B 519 3.18 -45.80 -4.15
N ALA B 520 2.36 -45.09 -3.39
CA ALA B 520 1.98 -45.49 -2.04
C ALA B 520 0.46 -45.65 -1.98
N LEU B 521 0.03 -46.80 -1.48
CA LEU B 521 -1.40 -47.13 -1.42
C LEU B 521 -2.20 -46.20 -0.52
N LYS B 522 -1.69 -45.89 0.67
CA LYS B 522 -2.38 -45.05 1.63
C LYS B 522 -1.41 -44.06 2.24
N PRO B 523 -1.90 -42.89 2.69
CA PRO B 523 -0.99 -41.90 3.28
C PRO B 523 -0.39 -42.33 4.61
N ASP B 524 -0.89 -43.40 5.21
CA ASP B 524 -0.37 -43.84 6.49
C ASP B 524 1.05 -44.38 6.40
N LEU B 525 1.56 -44.60 5.19
CA LEU B 525 2.88 -45.17 4.98
C LEU B 525 3.97 -44.12 4.82
N VAL B 526 3.65 -42.84 5.04
CA VAL B 526 4.60 -41.75 4.86
C VAL B 526 5.04 -41.25 6.22
N ASN B 527 6.35 -41.11 6.41
CA ASN B 527 6.91 -40.63 7.67
C ASN B 527 7.98 -39.59 7.36
N VAL B 528 8.25 -38.75 8.35
CA VAL B 528 9.15 -37.61 8.20
C VAL B 528 10.33 -37.77 9.15
N ILE B 529 11.54 -37.45 8.66
CA ILE B 529 12.74 -37.43 9.47
C ILE B 529 13.31 -36.02 9.44
N LYS B 530 14.19 -35.72 10.41
CA LYS B 530 14.64 -34.36 10.63
C LYS B 530 16.14 -34.16 10.58
N ASP B 531 16.95 -35.22 10.71
CA ASP B 531 18.38 -35.09 10.91
C ASP B 531 19.19 -35.28 9.62
N VAL B 532 18.65 -34.84 8.48
CA VAL B 532 19.34 -34.92 7.20
C VAL B 532 19.39 -33.54 6.58
N SER B 533 20.59 -33.14 6.14
CA SER B 533 20.76 -31.85 5.49
C SER B 533 20.07 -31.85 4.12
N PRO B 534 19.54 -30.70 3.70
CA PRO B 534 18.89 -30.62 2.39
C PRO B 534 19.89 -30.86 1.27
N PRO B 535 19.46 -31.50 0.19
CA PRO B 535 20.36 -31.74 -0.93
C PRO B 535 20.49 -30.52 -1.82
N PRO B 536 21.51 -30.46 -2.67
CA PRO B 536 21.62 -29.34 -3.62
C PRO B 536 20.53 -29.39 -4.68
N LEU B 537 20.23 -28.22 -5.22
CA LEU B 537 19.17 -28.06 -6.21
C LEU B 537 19.75 -27.55 -7.53
N VAL B 538 18.88 -27.41 -8.52
CA VAL B 538 19.22 -26.92 -9.84
C VAL B 538 18.42 -25.65 -10.10
N VAL B 539 19.11 -24.59 -10.53
CA VAL B 539 18.51 -23.28 -10.74
C VAL B 539 18.67 -22.90 -12.20
N MET B 540 17.58 -22.49 -12.83
CA MET B 540 17.58 -22.07 -14.23
C MET B 540 17.02 -20.66 -14.33
N ALA B 541 17.78 -19.78 -14.97
CA ALA B 541 17.37 -18.39 -15.20
C ALA B 541 17.31 -18.13 -16.71
N PHE B 542 16.21 -17.52 -17.16
CA PHE B 542 16.01 -17.29 -18.57
C PHE B 542 15.19 -16.01 -18.78
N SER B 543 15.35 -15.44 -19.98
CA SER B 543 14.59 -14.28 -20.40
C SER B 543 14.50 -14.27 -21.93
N MET B 544 13.50 -13.57 -22.45
CA MET B 544 13.27 -13.53 -23.88
C MET B 544 13.00 -12.10 -24.34
N LYS B 545 13.05 -11.89 -25.65
CA LYS B 545 12.76 -10.61 -26.27
C LYS B 545 11.68 -10.82 -27.33
N THR B 546 10.58 -10.10 -27.18
CA THR B 546 9.42 -10.23 -28.06
C THR B 546 9.61 -9.33 -29.29
N MET B 547 8.61 -9.38 -30.17
CA MET B 547 8.64 -8.59 -31.41
C MET B 547 7.21 -8.50 -31.92
N GLN B 548 6.71 -7.27 -32.06
CA GLN B 548 5.32 -7.06 -32.46
C GLN B 548 5.21 -7.00 -33.97
N ASN B 549 4.36 -7.86 -34.54
CA ASN B 549 4.19 -7.90 -35.99
C ASN B 549 3.58 -6.58 -36.47
N ALA B 550 4.13 -6.07 -37.58
CA ALA B 550 3.62 -4.83 -38.14
C ALA B 550 2.32 -5.03 -38.90
N LYS B 551 2.21 -6.14 -39.63
CA LYS B 551 1.04 -6.38 -40.48
C LYS B 551 -0.23 -6.52 -39.65
N ASN B 552 -0.16 -7.27 -38.54
CA ASN B 552 -1.28 -7.47 -37.65
C ASN B 552 -0.84 -7.34 -36.21
N HIS B 553 -1.79 -7.01 -35.33
CA HIS B 553 -1.50 -6.82 -33.92
C HIS B 553 -1.23 -8.19 -33.29
N GLN B 554 0.04 -8.57 -33.26
CA GLN B 554 0.46 -9.85 -32.70
C GLN B 554 1.93 -9.74 -32.30
N ASN B 555 2.33 -10.59 -31.37
CA ASN B 555 3.70 -10.59 -30.84
C ASN B 555 4.31 -11.97 -31.02
N GLU B 556 5.60 -12.00 -31.32
CA GLU B 556 6.34 -13.24 -31.51
C GLU B 556 7.67 -13.15 -30.78
N ILE B 557 8.24 -14.31 -30.44
CA ILE B 557 9.55 -14.37 -29.80
C ILE B 557 10.59 -14.76 -30.85
N ILE B 558 11.71 -14.05 -30.85
CA ILE B 558 12.72 -14.21 -31.90
C ILE B 558 14.07 -14.58 -31.29
N ALA B 559 14.28 -14.23 -30.04
CA ALA B 559 15.56 -14.50 -29.38
C ALA B 559 15.30 -14.97 -27.96
N MET B 560 16.21 -15.78 -27.42
CA MET B 560 16.06 -16.36 -26.10
C MET B 560 17.38 -16.92 -25.62
N ALA B 561 17.66 -16.77 -24.34
CA ALA B 561 18.87 -17.29 -23.71
C ALA B 561 18.56 -17.72 -22.28
N ALA B 562 19.41 -18.57 -21.72
CA ALA B 562 19.20 -19.09 -20.38
C ALA B 562 20.53 -19.44 -19.74
N LEU B 563 20.53 -19.48 -18.40
CA LEU B 563 21.69 -19.85 -17.61
C LEU B 563 21.30 -20.93 -16.61
N VAL B 564 22.17 -21.93 -16.45
CA VAL B 564 21.86 -23.10 -15.63
C VAL B 564 23.00 -23.34 -14.66
N HIS B 565 22.66 -23.62 -13.40
CA HIS B 565 23.61 -24.06 -12.39
C HIS B 565 23.15 -25.40 -11.84
N HIS B 566 24.10 -26.32 -11.64
CA HIS B 566 23.78 -27.70 -11.32
C HIS B 566 23.99 -28.07 -9.85
N SER B 567 24.63 -27.21 -9.06
CA SER B 567 24.96 -27.54 -7.68
C SER B 567 24.64 -26.37 -6.76
N PHE B 568 23.48 -25.75 -6.96
CA PHE B 568 23.03 -24.67 -6.11
C PHE B 568 22.66 -25.22 -4.74
N ALA B 569 23.15 -24.59 -3.68
CA ALA B 569 22.91 -25.04 -2.31
C ALA B 569 22.04 -24.02 -1.59
N LEU B 570 21.02 -24.52 -0.88
CA LEU B 570 20.10 -23.66 -0.15
C LEU B 570 20.52 -23.41 1.29
N ASP B 571 21.56 -24.08 1.78
CA ASP B 571 21.99 -23.94 3.17
C ASP B 571 23.29 -23.13 3.29
N LYS B 572 23.77 -22.56 2.19
CA LYS B 572 25.00 -21.78 2.22
C LYS B 572 24.81 -20.53 1.39
N ALA B 573 25.91 -19.81 1.17
CA ALA B 573 25.87 -18.60 0.37
C ALA B 573 25.76 -18.96 -1.12
N ALA B 574 25.52 -17.93 -1.93
CA ALA B 574 25.40 -18.14 -3.36
C ALA B 574 26.74 -18.61 -3.93
N PRO B 575 26.74 -19.62 -4.80
CA PRO B 575 28.00 -20.11 -5.36
C PRO B 575 28.62 -19.10 -6.32
N LYS B 576 29.95 -19.18 -6.43
CA LYS B 576 30.71 -18.32 -7.32
C LYS B 576 31.47 -19.19 -8.30
N PRO B 577 31.22 -19.10 -9.61
CA PRO B 577 30.22 -18.20 -10.23
C PRO B 577 28.78 -18.71 -10.07
N PRO B 578 27.80 -17.81 -10.18
CA PRO B 578 26.40 -18.24 -10.02
C PRO B 578 25.94 -19.23 -11.08
N PHE B 579 26.60 -19.30 -12.23
CA PHE B 579 26.17 -20.18 -13.31
C PHE B 579 27.33 -21.08 -13.74
N GLN B 580 26.97 -22.16 -14.42
CA GLN B 580 27.95 -23.11 -14.94
C GLN B 580 27.77 -23.44 -16.42
N SER B 581 26.59 -23.24 -17.00
CA SER B 581 26.35 -23.52 -18.40
C SER B 581 25.27 -22.57 -18.91
N HIS B 582 25.22 -22.41 -20.23
CA HIS B 582 24.28 -21.50 -20.84
C HIS B 582 24.04 -21.91 -22.29
N PHE B 583 22.95 -21.40 -22.85
CA PHE B 583 22.60 -21.65 -24.24
C PHE B 583 21.70 -20.51 -24.72
N CYS B 584 21.63 -20.34 -26.04
CA CYS B 584 20.81 -19.29 -26.62
C CYS B 584 20.41 -19.69 -28.03
N VAL B 585 19.21 -19.29 -28.43
CA VAL B 585 18.65 -19.62 -29.73
C VAL B 585 17.95 -18.39 -30.30
N VAL B 586 18.14 -18.15 -31.60
CA VAL B 586 17.58 -16.99 -32.27
C VAL B 586 16.94 -17.43 -33.57
N SER B 587 15.78 -16.86 -33.88
CA SER B 587 15.04 -17.20 -35.09
C SER B 587 14.42 -15.93 -35.69
N LYS B 588 14.22 -15.97 -37.01
CA LYS B 588 13.61 -14.84 -37.71
C LYS B 588 12.10 -14.81 -37.48
N PRO B 589 11.50 -13.61 -37.47
CA PRO B 589 10.05 -13.53 -37.24
C PRO B 589 9.23 -14.20 -38.33
N LYS B 590 9.42 -13.75 -39.58
CA LYS B 590 8.68 -14.30 -40.72
C LYS B 590 9.18 -13.71 -42.03
N ASP B 591 8.83 -12.45 -42.29
CA ASP B 591 9.17 -11.83 -43.57
C ASP B 591 10.66 -11.59 -43.71
N CYS B 592 11.30 -11.01 -42.71
CA CYS B 592 12.72 -10.70 -42.78
C CYS B 592 13.55 -11.98 -42.80
N ILE B 593 14.66 -11.92 -43.53
CA ILE B 593 15.58 -13.05 -43.65
C ILE B 593 16.87 -12.70 -42.95
N PHE B 594 17.61 -13.74 -42.56
CA PHE B 594 18.87 -13.54 -41.87
C PHE B 594 19.88 -12.88 -42.80
N PRO B 595 20.74 -12.00 -42.27
CA PRO B 595 21.82 -11.44 -43.10
C PRO B 595 22.75 -12.53 -43.61
N TYR B 596 23.30 -12.30 -44.80
CA TYR B 596 24.17 -13.28 -45.41
C TYR B 596 25.43 -13.50 -44.57
N ALA B 597 25.99 -14.71 -44.69
CA ALA B 597 27.20 -15.13 -43.97
C ALA B 597 27.01 -15.11 -42.46
N PHE B 598 25.76 -15.16 -41.98
CA PHE B 598 25.52 -15.19 -40.55
C PHE B 598 26.07 -16.45 -39.91
N LYS B 599 25.89 -17.60 -40.58
CA LYS B 599 26.42 -18.85 -40.06
C LYS B 599 27.94 -18.82 -39.98
N GLU B 600 28.59 -18.19 -40.97
CA GLU B 600 30.05 -18.06 -40.92
C GLU B 600 30.49 -17.23 -39.72
N VAL B 601 29.77 -16.15 -39.43
CA VAL B 601 30.10 -15.35 -38.25
C VAL B 601 29.88 -16.14 -36.97
N ILE B 602 28.81 -16.95 -36.94
CA ILE B 602 28.54 -17.78 -35.77
C ILE B 602 29.67 -18.78 -35.55
N GLU B 603 30.13 -19.42 -36.63
CA GLU B 603 31.26 -20.35 -36.52
C GLU B 603 32.54 -19.64 -36.11
N LYS B 604 32.75 -18.41 -36.61
CA LYS B 604 33.92 -17.63 -36.20
C LYS B 604 33.88 -17.34 -34.70
N LYS B 605 32.71 -16.95 -34.18
CA LYS B 605 32.55 -16.70 -32.76
C LYS B 605 32.64 -17.97 -31.92
N ASN B 606 32.11 -19.09 -32.41
CA ASN B 606 32.22 -20.40 -31.76
C ASN B 606 31.65 -20.37 -30.33
N VAL B 607 30.36 -20.10 -30.25
CA VAL B 607 29.60 -20.12 -29.01
C VAL B 607 28.39 -21.01 -29.22
N LYS B 608 27.87 -21.58 -28.14
CA LYS B 608 26.75 -22.52 -28.23
C LYS B 608 25.45 -21.79 -28.57
N VAL B 609 25.34 -21.30 -29.80
CA VAL B 609 24.15 -20.63 -30.29
C VAL B 609 23.63 -21.38 -31.51
N GLU B 610 22.35 -21.71 -31.49
CA GLU B 610 21.70 -22.43 -32.58
C GLU B 610 20.67 -21.52 -33.25
N VAL B 611 20.74 -21.42 -34.56
CA VAL B 611 19.81 -20.61 -35.32
C VAL B 611 18.62 -21.47 -35.74
N ALA B 612 17.42 -21.00 -35.45
CA ALA B 612 16.20 -21.72 -35.75
C ALA B 612 15.53 -21.15 -36.99
N ALA B 613 15.01 -22.04 -37.83
CA ALA B 613 14.34 -21.64 -39.07
C ALA B 613 13.08 -20.83 -38.79
N THR B 614 12.11 -21.43 -38.11
CA THR B 614 10.84 -20.79 -37.79
C THR B 614 10.65 -20.78 -36.27
N GLU B 615 9.50 -20.25 -35.84
CA GLU B 615 9.18 -20.20 -34.43
C GLU B 615 8.97 -21.60 -33.86
N ARG B 616 8.37 -22.50 -34.64
CA ARG B 616 8.08 -23.84 -34.15
C ARG B 616 9.35 -24.59 -33.79
N THR B 617 10.39 -24.47 -34.62
CA THR B 617 11.65 -25.13 -34.33
C THR B 617 12.27 -24.60 -33.04
N LEU B 618 12.22 -23.28 -32.84
CA LEU B 618 12.76 -22.70 -31.61
C LEU B 618 11.99 -23.19 -30.39
N LEU B 619 10.65 -23.22 -30.48
CA LEU B 619 9.85 -23.70 -29.36
C LEU B 619 10.15 -25.17 -29.05
N GLY B 620 10.27 -25.99 -30.09
CA GLY B 620 10.59 -27.39 -29.87
C GLY B 620 11.96 -27.59 -29.25
N PHE B 621 12.94 -26.81 -29.71
CA PHE B 621 14.28 -26.88 -29.14
C PHE B 621 14.27 -26.49 -27.68
N PHE B 622 13.55 -25.42 -27.33
CA PHE B 622 13.48 -24.99 -25.94
C PHE B 622 12.78 -26.04 -25.07
N LEU B 623 11.70 -26.62 -25.59
CA LEU B 623 10.99 -27.66 -24.84
C LEU B 623 11.86 -28.88 -24.62
N ALA B 624 12.61 -29.31 -25.62
CA ALA B 624 13.52 -30.43 -25.45
C ALA B 624 14.63 -30.10 -24.47
N LYS B 625 15.16 -28.87 -24.53
CA LYS B 625 16.23 -28.48 -23.63
C LYS B 625 15.75 -28.45 -22.17
N VAL B 626 14.53 -27.98 -21.94
CA VAL B 626 14.01 -27.97 -20.58
C VAL B 626 13.89 -29.38 -20.03
N HIS B 627 13.37 -30.31 -20.83
CA HIS B 627 13.26 -31.69 -20.39
C HIS B 627 14.63 -32.31 -20.12
N LYS B 628 15.59 -32.03 -21.01
CA LYS B 628 16.94 -32.59 -20.83
C LYS B 628 17.60 -32.06 -19.57
N ILE B 629 17.53 -30.74 -19.35
CA ILE B 629 18.16 -30.15 -18.18
C ILE B 629 17.41 -30.53 -16.91
N ASP B 630 16.09 -30.56 -16.97
CA ASP B 630 15.24 -30.86 -15.82
C ASP B 630 15.50 -29.90 -14.66
N PRO B 631 15.16 -28.63 -14.80
CA PRO B 631 15.39 -27.68 -13.71
C PRO B 631 14.38 -27.86 -12.59
N ASP B 632 14.72 -27.33 -11.42
CA ASP B 632 13.85 -27.38 -10.26
C ASP B 632 13.33 -26.02 -9.84
N ILE B 633 14.06 -24.95 -10.13
CA ILE B 633 13.62 -23.59 -9.84
C ILE B 633 13.84 -22.75 -11.10
N ILE B 634 12.78 -22.12 -11.58
CA ILE B 634 12.85 -21.22 -12.73
C ILE B 634 12.71 -19.80 -12.23
N VAL B 635 13.73 -18.98 -12.48
CA VAL B 635 13.77 -17.61 -12.00
C VAL B 635 13.85 -16.66 -13.18
N GLY B 636 12.95 -15.66 -13.18
CA GLY B 636 12.92 -14.68 -14.25
C GLY B 636 12.25 -13.41 -13.77
N HIS B 637 12.09 -12.48 -14.69
CA HIS B 637 11.48 -11.19 -14.41
C HIS B 637 10.11 -11.11 -15.09
N ASN B 638 9.09 -10.72 -14.33
CA ASN B 638 7.73 -10.57 -14.84
C ASN B 638 7.21 -11.87 -15.45
N ILE B 639 7.62 -13.00 -14.86
CA ILE B 639 7.22 -14.29 -15.39
C ILE B 639 5.72 -14.49 -15.26
N TYR B 640 5.16 -14.19 -14.09
CA TYR B 640 3.74 -14.42 -13.86
C TYR B 640 2.84 -13.46 -14.64
N GLY B 641 3.30 -12.25 -14.93
CA GLY B 641 2.48 -11.26 -15.58
C GLY B 641 2.41 -11.38 -17.08
N PHE B 642 3.56 -11.45 -17.73
CA PHE B 642 3.58 -11.38 -19.20
C PHE B 642 4.33 -12.52 -19.85
N GLU B 643 5.43 -12.99 -19.25
CA GLU B 643 6.27 -13.97 -19.92
C GLU B 643 5.56 -15.31 -20.10
N LEU B 644 4.99 -15.84 -19.02
CA LEU B 644 4.40 -17.18 -19.06
C LEU B 644 3.15 -17.21 -19.95
N GLU B 645 2.29 -16.20 -19.82
CA GLU B 645 1.08 -16.16 -20.63
C GLU B 645 1.42 -16.08 -22.12
N VAL B 646 2.37 -15.22 -22.47
CA VAL B 646 2.76 -15.08 -23.88
C VAL B 646 3.38 -16.37 -24.39
N LEU B 647 4.23 -17.00 -23.58
CA LEU B 647 4.85 -18.26 -23.99
C LEU B 647 3.79 -19.34 -24.24
N LEU B 648 2.84 -19.46 -23.32
CA LEU B 648 1.79 -20.47 -23.48
C LEU B 648 0.92 -20.17 -24.69
N GLN B 649 0.58 -18.90 -24.91
CA GLN B 649 -0.23 -18.54 -26.08
C GLN B 649 0.52 -18.85 -27.37
N ARG B 650 1.82 -18.57 -27.42
CA ARG B 650 2.60 -18.89 -28.60
C ARG B 650 2.66 -20.40 -28.83
N ILE B 651 2.83 -21.18 -27.75
CA ILE B 651 2.82 -22.63 -27.88
C ILE B 651 1.48 -23.10 -28.44
N ASN B 652 0.38 -22.53 -27.93
CA ASN B 652 -0.94 -22.95 -28.39
C ASN B 652 -1.16 -22.61 -29.87
N VAL B 653 -0.86 -21.37 -30.27
CA VAL B 653 -1.11 -20.96 -31.65
C VAL B 653 -0.19 -21.70 -32.60
N CYS B 654 1.05 -21.98 -32.18
CA CYS B 654 2.01 -22.67 -33.03
C CYS B 654 1.85 -24.18 -32.98
N LYS B 655 1.06 -24.71 -32.04
CA LYS B 655 0.79 -26.13 -31.91
C LYS B 655 2.09 -26.93 -31.76
N ALA B 656 2.93 -26.47 -30.85
CA ALA B 656 4.18 -27.16 -30.56
C ALA B 656 3.89 -28.51 -29.91
N PRO B 657 4.63 -29.56 -30.28
CA PRO B 657 4.38 -30.88 -29.71
C PRO B 657 4.85 -31.00 -28.27
N HIS B 658 4.08 -31.75 -27.48
CA HIS B 658 4.38 -32.02 -26.07
C HIS B 658 4.54 -30.73 -25.28
N TRP B 659 3.43 -29.97 -25.20
CA TRP B 659 3.43 -28.72 -24.44
C TRP B 659 3.66 -28.96 -22.96
N SER B 660 3.36 -30.17 -22.48
CA SER B 660 3.48 -30.46 -21.05
C SER B 660 4.92 -30.52 -20.56
N LYS B 661 5.90 -30.53 -21.46
CA LYS B 661 7.29 -30.62 -21.05
C LYS B 661 7.73 -29.43 -20.22
N ILE B 662 7.04 -28.29 -20.32
CA ILE B 662 7.37 -27.14 -19.49
C ILE B 662 7.13 -27.43 -18.01
N GLY B 663 6.09 -28.21 -17.69
CA GLY B 663 5.84 -28.60 -16.32
C GLY B 663 6.55 -29.89 -15.97
N ARG B 664 5.95 -30.67 -15.06
CA ARG B 664 6.51 -31.95 -14.66
C ARG B 664 5.47 -33.07 -14.69
N LEU B 665 4.30 -32.82 -15.27
CA LEU B 665 3.23 -33.81 -15.32
C LEU B 665 2.75 -33.95 -16.76
N LYS B 666 2.19 -35.13 -17.06
CA LYS B 666 1.70 -35.44 -18.38
C LYS B 666 0.23 -35.04 -18.49
N ARG B 667 -0.05 -34.05 -19.33
CA ARG B 667 -1.40 -33.56 -19.53
C ARG B 667 -1.64 -33.33 -21.01
N SER B 668 -2.91 -33.09 -21.37
CA SER B 668 -3.31 -32.88 -22.75
C SER B 668 -3.78 -31.45 -23.00
N ASN B 669 -4.72 -30.95 -22.21
CA ASN B 669 -5.27 -29.62 -22.37
C ASN B 669 -4.89 -28.76 -21.18
N MET B 670 -4.34 -27.57 -21.45
CA MET B 670 -3.92 -26.66 -20.39
C MET B 670 -5.01 -25.64 -20.11
N PRO B 671 -5.14 -25.18 -18.86
CA PRO B 671 -6.13 -24.16 -18.54
C PRO B 671 -5.64 -22.77 -18.95
N LYS B 672 -6.56 -21.81 -18.89
CA LYS B 672 -6.27 -20.43 -19.24
C LYS B 672 -7.13 -19.51 -18.37
N LEU B 673 -6.50 -18.46 -17.87
CA LEU B 673 -7.19 -17.49 -17.02
C LEU B 673 -8.13 -16.62 -17.85
N GLY B 678 -2.38 -15.53 -10.69
CA GLY B 678 -1.45 -16.62 -10.88
C GLY B 678 -2.08 -17.99 -10.67
N PHE B 679 -3.22 -18.21 -11.31
CA PHE B 679 -3.91 -19.50 -11.18
C PHE B 679 -3.65 -20.39 -12.39
N GLY B 680 -3.97 -19.90 -13.59
CA GLY B 680 -3.73 -20.68 -14.78
C GLY B 680 -2.26 -20.96 -15.02
N GLU B 681 -1.41 -19.95 -14.79
CA GLU B 681 0.03 -20.15 -14.92
C GLU B 681 0.54 -21.19 -13.93
N ARG B 682 0.08 -21.11 -12.68
CA ARG B 682 0.49 -22.06 -11.66
C ARG B 682 0.06 -23.48 -12.05
N ASN B 683 -1.17 -23.63 -12.55
CA ASN B 683 -1.62 -24.94 -13.00
C ASN B 683 -0.78 -25.44 -14.17
N ALA B 684 -0.41 -24.54 -15.09
CA ALA B 684 0.36 -24.94 -16.25
C ALA B 684 1.77 -25.40 -15.87
N THR B 685 2.42 -24.71 -14.92
CA THR B 685 3.80 -24.99 -14.54
C THR B 685 3.88 -25.95 -13.36
N CYS B 686 2.88 -26.82 -13.20
CA CYS B 686 2.86 -27.75 -12.08
C CYS B 686 4.10 -28.63 -12.08
N GLY B 687 4.68 -28.81 -10.89
CA GLY B 687 5.85 -29.63 -10.71
C GLY B 687 7.17 -28.88 -10.71
N ARG B 688 7.20 -27.65 -11.22
CA ARG B 688 8.41 -26.83 -11.23
C ARG B 688 8.15 -25.55 -10.47
N MET B 689 9.13 -25.13 -9.68
CA MET B 689 9.01 -23.93 -8.87
C MET B 689 9.32 -22.69 -9.70
N ILE B 690 8.46 -21.69 -9.60
CA ILE B 690 8.59 -20.44 -10.34
C ILE B 690 8.90 -19.33 -9.35
N CYS B 691 10.00 -18.61 -9.59
CA CYS B 691 10.41 -17.49 -8.75
C CYS B 691 10.50 -16.23 -9.60
N ASP B 692 9.83 -15.17 -9.18
CA ASP B 692 9.84 -13.89 -9.86
C ASP B 692 10.67 -12.91 -9.05
N VAL B 693 11.66 -12.29 -9.69
CA VAL B 693 12.51 -11.33 -8.98
C VAL B 693 11.74 -10.08 -8.62
N GLU B 694 10.77 -9.68 -9.45
CA GLU B 694 10.00 -8.48 -9.17
C GLU B 694 9.18 -8.62 -7.89
N ILE B 695 8.50 -9.75 -7.73
CA ILE B 695 7.67 -9.97 -6.55
C ILE B 695 8.53 -10.00 -5.29
N SER B 696 9.67 -10.71 -5.35
CA SER B 696 10.56 -10.78 -4.20
C SER B 696 11.12 -9.40 -3.85
N ALA B 697 11.52 -8.63 -4.87
CA ALA B 697 12.03 -7.28 -4.61
C ALA B 697 10.96 -6.39 -3.98
N LYS B 698 9.72 -6.48 -4.48
CA LYS B 698 8.63 -5.70 -3.89
C LYS B 698 8.38 -6.12 -2.45
N GLU B 699 8.46 -7.42 -2.16
CA GLU B 699 8.22 -7.90 -0.80
C GLU B 699 9.33 -7.51 0.16
N LEU B 700 10.57 -7.44 -0.31
CA LEU B 700 11.72 -7.22 0.57
C LEU B 700 12.20 -5.78 0.63
N ILE B 701 12.52 -5.17 -0.52
CA ILE B 701 13.17 -3.87 -0.54
C ILE B 701 12.29 -2.87 -1.27
N ARG B 702 12.06 -1.72 -0.62
CA ARG B 702 11.26 -0.65 -1.19
C ARG B 702 12.15 0.23 -2.07
N CYS B 703 11.73 0.42 -3.32
CA CYS B 703 12.49 1.19 -4.29
C CYS B 703 11.56 2.16 -4.99
N LYS B 704 12.13 3.12 -5.71
CA LYS B 704 11.36 4.08 -6.48
C LYS B 704 10.54 3.41 -7.57
N SER B 705 11.14 2.46 -8.29
CA SER B 705 10.45 1.71 -9.33
C SER B 705 10.91 0.26 -9.27
N TYR B 706 10.16 -0.62 -9.93
CA TYR B 706 10.45 -2.05 -9.94
C TYR B 706 10.75 -2.57 -11.34
N HIS B 707 11.24 -1.71 -12.22
CA HIS B 707 11.70 -2.15 -13.53
C HIS B 707 13.07 -2.82 -13.40
N LEU B 708 13.48 -3.53 -14.44
CA LEU B 708 14.77 -4.20 -14.42
C LEU B 708 15.92 -3.21 -14.31
N SER B 709 15.82 -2.10 -15.04
CA SER B 709 16.88 -1.09 -15.00
C SER B 709 17.03 -0.50 -13.61
N GLU B 710 15.91 -0.18 -12.96
CA GLU B 710 15.96 0.36 -11.61
C GLU B 710 16.53 -0.66 -10.62
N LEU B 711 16.14 -1.93 -10.77
CA LEU B 711 16.66 -2.97 -9.87
C LEU B 711 18.17 -3.13 -10.04
N VAL B 712 18.67 -3.10 -11.28
CA VAL B 712 20.10 -3.21 -11.50
C VAL B 712 20.81 -1.96 -10.96
N GLN B 713 20.20 -0.79 -11.12
CA GLN B 713 20.82 0.45 -10.66
C GLN B 713 20.92 0.48 -9.14
N GLN B 714 19.92 -0.07 -8.44
CA GLN B 714 19.91 0.00 -6.98
C GLN B 714 20.66 -1.17 -6.34
N ILE B 715 20.22 -2.40 -6.62
CA ILE B 715 20.80 -3.57 -5.95
C ILE B 715 22.26 -3.76 -6.38
N LEU B 716 22.53 -3.68 -7.67
CA LEU B 716 23.87 -3.96 -8.19
C LEU B 716 24.70 -2.70 -8.45
N LYS B 717 24.10 -1.52 -8.42
CA LYS B 717 24.79 -0.25 -8.68
C LYS B 717 25.48 -0.27 -10.04
N THR B 718 24.71 -0.64 -11.06
CA THR B 718 25.21 -0.68 -12.43
C THR B 718 24.10 -0.20 -13.35
N GLU B 719 24.48 0.31 -14.52
CA GLU B 719 23.52 0.83 -15.48
C GLU B 719 23.26 -0.19 -16.58
N ARG B 720 22.00 -0.32 -16.95
CA ARG B 720 21.57 -1.25 -17.99
C ARG B 720 21.02 -0.48 -19.18
N VAL B 721 21.57 -0.76 -20.36
CA VAL B 721 21.13 -0.11 -21.59
C VAL B 721 19.82 -0.74 -22.03
N VAL B 722 18.84 0.12 -22.35
CA VAL B 722 17.52 -0.31 -22.77
C VAL B 722 17.40 -0.13 -24.27
N ILE B 723 17.05 -1.20 -24.97
CA ILE B 723 16.89 -1.21 -26.42
C ILE B 723 15.44 -0.85 -26.73
N PRO B 724 15.17 0.19 -27.52
CA PRO B 724 13.79 0.52 -27.86
C PRO B 724 13.13 -0.60 -28.64
N MET B 725 11.82 -0.77 -28.39
CA MET B 725 11.09 -1.90 -28.94
C MET B 725 10.93 -1.78 -30.46
N GLU B 726 10.69 -0.55 -30.95
CA GLU B 726 10.43 -0.37 -32.37
C GLU B 726 11.69 -0.61 -33.20
N ASN B 727 12.87 -0.36 -32.63
CA ASN B 727 14.12 -0.49 -33.37
C ASN B 727 14.54 -1.94 -33.58
N ILE B 728 13.78 -2.91 -33.06
CA ILE B 728 14.12 -4.31 -33.25
C ILE B 728 14.13 -4.68 -34.72
N GLN B 729 13.13 -4.20 -35.47
CA GLN B 729 13.05 -4.52 -36.90
C GLN B 729 14.24 -3.94 -37.65
N ASN B 730 14.64 -2.71 -37.32
CA ASN B 730 15.74 -2.07 -38.04
C ASN B 730 17.05 -2.82 -37.87
N MET B 731 17.33 -3.30 -36.65
CA MET B 731 18.59 -3.96 -36.34
C MET B 731 18.61 -5.41 -36.76
N TYR B 732 17.68 -5.86 -37.58
CA TYR B 732 17.61 -7.26 -38.00
C TYR B 732 18.27 -7.50 -39.35
N SER B 733 18.91 -6.49 -39.93
CA SER B 733 19.54 -6.64 -41.25
C SER B 733 21.06 -6.71 -41.16
N GLU B 734 21.63 -6.51 -39.97
CA GLU B 734 23.07 -6.54 -39.78
C GLU B 734 23.44 -7.62 -38.77
N SER B 735 24.49 -8.37 -39.09
CA SER B 735 24.96 -9.44 -38.20
C SER B 735 25.43 -8.88 -36.87
N SER B 736 26.13 -7.74 -36.89
CA SER B 736 26.63 -7.15 -35.66
C SER B 736 25.50 -6.73 -34.73
N GLN B 737 24.42 -6.17 -35.28
CA GLN B 737 23.30 -5.77 -34.44
C GLN B 737 22.60 -6.97 -33.83
N LEU B 738 22.45 -8.05 -34.61
CA LEU B 738 21.86 -9.27 -34.06
C LEU B 738 22.72 -9.85 -32.94
N LEU B 739 24.04 -9.87 -33.14
CA LEU B 739 24.94 -10.34 -32.10
C LEU B 739 24.84 -9.46 -30.85
N TYR B 740 24.73 -8.14 -31.04
CA TYR B 740 24.57 -7.25 -29.91
C TYR B 740 23.27 -7.51 -29.17
N LEU B 741 22.18 -7.77 -29.90
CA LEU B 741 20.91 -8.09 -29.27
C LEU B 741 21.01 -9.39 -28.47
N LEU B 742 21.65 -10.40 -29.04
CA LEU B 742 21.81 -11.67 -28.32
C LEU B 742 22.65 -11.48 -27.06
N GLU B 743 23.74 -10.72 -27.16
CA GLU B 743 24.56 -10.43 -25.98
C GLU B 743 23.79 -9.63 -24.95
N HIS B 744 22.92 -8.72 -25.38
CA HIS B 744 22.09 -7.97 -24.44
C HIS B 744 21.11 -8.88 -23.71
N THR B 745 20.52 -9.84 -24.44
CA THR B 745 19.63 -10.81 -23.79
C THR B 745 20.40 -11.65 -22.77
N TRP B 746 21.59 -12.11 -23.14
CA TRP B 746 22.41 -12.88 -22.21
C TRP B 746 22.78 -12.06 -20.99
N LYS B 747 23.11 -10.78 -21.20
CA LYS B 747 23.43 -9.89 -20.08
C LYS B 747 22.22 -9.68 -19.19
N ASP B 748 21.03 -9.58 -19.77
CA ASP B 748 19.81 -9.45 -18.96
C ASP B 748 19.59 -10.69 -18.11
N ALA B 749 19.79 -11.87 -18.69
CA ALA B 749 19.66 -13.10 -17.91
C ALA B 749 20.68 -13.15 -16.79
N LYS B 750 21.93 -12.75 -17.08
CA LYS B 750 22.97 -12.73 -16.06
C LYS B 750 22.63 -11.74 -14.95
N PHE B 751 22.09 -10.58 -15.31
CA PHE B 751 21.69 -9.59 -14.31
C PHE B 751 20.58 -10.13 -13.42
N ILE B 752 19.60 -10.81 -14.01
CA ILE B 752 18.52 -11.39 -13.21
C ILE B 752 19.07 -12.43 -12.24
N LEU B 753 19.97 -13.30 -12.73
CA LEU B 753 20.55 -14.31 -11.86
C LEU B 753 21.37 -13.67 -10.74
N GLN B 754 22.14 -12.63 -11.07
CA GLN B 754 22.96 -11.96 -10.06
C GLN B 754 22.08 -11.28 -9.01
N ILE B 755 20.99 -10.65 -9.44
CA ILE B 755 20.08 -10.02 -8.48
C ILE B 755 19.46 -11.06 -7.56
N MET B 756 19.02 -12.19 -8.13
CA MET B 756 18.43 -13.24 -7.31
C MET B 756 19.45 -13.79 -6.31
N CYS B 757 20.69 -13.99 -6.74
CA CYS B 757 21.72 -14.50 -5.84
C CYS B 757 22.09 -13.49 -4.77
N GLU B 758 22.06 -12.19 -5.10
CA GLU B 758 22.43 -11.16 -4.13
C GLU B 758 21.33 -10.97 -3.08
N LEU B 759 20.07 -11.01 -3.51
CA LEU B 759 18.97 -10.81 -2.57
C LEU B 759 18.76 -11.99 -1.64
N ASN B 760 19.37 -13.15 -1.92
CA ASN B 760 19.25 -14.35 -1.08
C ASN B 760 17.78 -14.71 -0.86
N VAL B 761 17.01 -14.70 -1.95
CA VAL B 761 15.57 -14.95 -1.84
C VAL B 761 15.30 -16.39 -1.43
N LEU B 762 16.03 -17.34 -2.03
CA LEU B 762 15.73 -18.76 -1.80
C LEU B 762 15.91 -19.19 -0.36
N PRO B 763 17.03 -18.91 0.32
CA PRO B 763 17.12 -19.32 1.74
C PRO B 763 16.07 -18.67 2.62
N LEU B 764 15.75 -17.40 2.38
CA LEU B 764 14.71 -16.74 3.18
C LEU B 764 13.36 -17.40 2.96
N ALA B 765 13.02 -17.70 1.71
CA ALA B 765 11.75 -18.37 1.42
C ALA B 765 11.72 -19.75 2.06
N LEU B 766 12.83 -20.48 2.01
CA LEU B 766 12.87 -21.81 2.63
C LEU B 766 12.67 -21.71 4.14
N GLN B 767 13.32 -20.74 4.79
CA GLN B 767 13.15 -20.56 6.22
C GLN B 767 11.72 -20.18 6.57
N ILE B 768 11.12 -19.27 5.80
CA ILE B 768 9.74 -18.85 6.07
C ILE B 768 8.79 -20.02 5.90
N THR B 769 8.98 -20.83 4.86
CA THR B 769 8.14 -22.01 4.66
C THR B 769 8.32 -23.02 5.79
N ASN B 770 9.55 -23.30 6.18
CA ASN B 770 9.80 -24.22 7.28
C ASN B 770 9.23 -23.73 8.60
N ILE B 771 9.12 -22.41 8.78
CA ILE B 771 8.46 -21.88 9.96
C ILE B 771 6.95 -22.06 9.87
N ALA B 772 6.35 -21.59 8.76
CA ALA B 772 4.90 -21.66 8.61
C ALA B 772 4.43 -23.09 8.38
N GLY B 773 5.08 -23.82 7.48
CA GLY B 773 4.70 -25.18 7.18
C GLY B 773 3.85 -25.37 5.94
N ASN B 774 3.65 -24.33 5.14
CA ASN B 774 2.83 -24.42 3.94
C ASN B 774 3.69 -24.90 2.77
N ILE B 775 3.15 -24.79 1.56
CA ILE B 775 3.90 -25.11 0.36
C ILE B 775 4.82 -23.96 0.02
N MET B 776 6.10 -24.27 -0.26
CA MET B 776 7.09 -23.21 -0.44
C MET B 776 6.92 -22.52 -1.78
N SER B 777 6.40 -23.23 -2.79
CA SER B 777 6.16 -22.60 -4.08
C SER B 777 5.13 -21.48 -3.99
N ARG B 778 4.17 -21.60 -3.07
CA ARG B 778 3.20 -20.54 -2.86
C ARG B 778 3.81 -19.36 -2.12
N THR B 779 4.86 -19.60 -1.33
CA THR B 779 5.51 -18.52 -0.60
C THR B 779 6.14 -17.51 -1.55
N LEU B 780 6.73 -17.98 -2.65
CA LEU B 780 7.35 -17.09 -3.62
C LEU B 780 6.35 -16.21 -4.34
N MET B 781 5.06 -16.49 -4.25
CA MET B 781 4.02 -15.68 -4.88
C MET B 781 3.63 -14.46 -4.05
N GLY B 782 4.21 -14.30 -2.86
CA GLY B 782 3.86 -13.19 -2.00
C GLY B 782 2.60 -13.45 -1.20
N GLY B 783 2.20 -12.44 -0.45
CA GLY B 783 1.03 -12.53 0.40
C GLY B 783 1.35 -13.00 1.80
N ARG B 784 0.57 -12.56 2.78
CA ARG B 784 0.81 -12.91 4.17
C ARG B 784 -0.34 -13.70 4.80
N SER B 785 -1.53 -13.66 4.21
CA SER B 785 -2.67 -14.38 4.78
C SER B 785 -2.46 -15.89 4.77
N GLU B 786 -1.90 -16.43 3.69
CA GLU B 786 -1.73 -17.87 3.58
C GLU B 786 -0.79 -18.42 4.64
N ARG B 787 0.34 -17.74 4.85
CA ARG B 787 1.32 -18.22 5.83
C ARG B 787 0.74 -18.24 7.24
N ASN B 788 0.09 -17.14 7.63
CA ASN B 788 -0.52 -17.07 8.95
C ASN B 788 -1.63 -18.11 9.10
N GLU B 789 -2.45 -18.28 8.06
CA GLU B 789 -3.52 -19.26 8.11
C GLU B 789 -2.96 -20.67 8.31
N PHE B 790 -1.92 -21.01 7.56
CA PHE B 790 -1.34 -22.35 7.69
C PHE B 790 -0.68 -22.53 9.06
N LEU B 791 -0.01 -21.49 9.57
CA LEU B 791 0.61 -21.60 10.88
C LEU B 791 -0.44 -21.83 11.97
N LEU B 792 -1.52 -21.04 11.94
CA LEU B 792 -2.60 -21.23 12.91
C LEU B 792 -3.26 -22.60 12.75
N LEU B 793 -3.42 -23.05 11.52
CA LEU B 793 -4.02 -24.37 11.28
C LEU B 793 -3.16 -25.47 11.90
N HIS B 794 -1.84 -25.39 11.69
CA HIS B 794 -0.93 -26.37 12.29
C HIS B 794 -0.98 -26.31 13.80
N ALA B 795 -0.99 -25.10 14.36
CA ALA B 795 -1.02 -24.95 15.81
C ALA B 795 -2.30 -25.56 16.41
N PHE B 796 -3.43 -25.33 15.76
CA PHE B 796 -4.69 -25.86 16.29
C PHE B 796 -4.81 -27.36 16.08
N TYR B 797 -4.32 -27.87 14.94
CA TYR B 797 -4.37 -29.31 14.70
C TYR B 797 -3.46 -30.06 15.66
N GLU B 798 -2.29 -29.51 15.98
CA GLU B 798 -1.37 -30.20 16.88
C GLU B 798 -1.94 -30.30 18.30
N ASN B 799 -2.84 -29.39 18.67
CA ASN B 799 -3.36 -29.33 20.03
C ASN B 799 -4.76 -29.94 20.15
N ASN B 800 -5.14 -30.80 19.20
CA ASN B 800 -6.40 -31.54 19.24
C ASN B 800 -7.60 -30.58 19.29
N TYR B 801 -7.76 -29.81 18.22
CA TYR B 801 -8.87 -28.87 18.08
C TYR B 801 -9.58 -29.12 16.76
N ILE B 802 -10.61 -28.32 16.51
CA ILE B 802 -11.39 -28.36 15.28
C ILE B 802 -11.29 -26.99 14.62
N VAL B 803 -10.92 -26.98 13.35
CA VAL B 803 -10.68 -25.73 12.62
C VAL B 803 -11.91 -25.38 11.79
N PRO B 804 -12.20 -24.09 11.58
CA PRO B 804 -13.35 -23.72 10.77
C PRO B 804 -13.16 -24.11 9.31
N ASP B 805 -14.28 -24.37 8.64
CA ASP B 805 -14.25 -24.74 7.24
C ASP B 805 -13.94 -23.53 6.36
N LYS B 806 -13.52 -23.81 5.13
CA LYS B 806 -13.18 -22.74 4.21
C LYS B 806 -14.44 -22.03 3.71
N GLN B 807 -14.24 -20.86 3.09
CA GLN B 807 -15.33 -20.08 2.55
C GLN B 807 -15.47 -20.33 1.06
N ILE B 808 -16.56 -19.85 0.48
CA ILE B 808 -16.81 -20.01 -0.95
C ILE B 808 -17.16 -18.68 -1.58
N ALA B 837 -11.78 1.65 7.73
CA ALA B 837 -11.61 1.41 9.17
C ALA B 837 -12.84 0.76 9.76
N ALA B 838 -12.63 -0.09 10.77
CA ALA B 838 -13.73 -0.78 11.44
C ALA B 838 -13.65 -0.73 12.96
N TYR B 839 -12.51 -0.35 13.54
CA TYR B 839 -12.37 -0.28 14.99
C TYR B 839 -11.25 0.69 15.33
N ALA B 840 -11.20 1.08 16.60
CA ALA B 840 -10.19 2.01 17.06
C ALA B 840 -8.80 1.41 16.92
N GLY B 841 -7.86 2.21 16.42
CA GLY B 841 -6.51 1.73 16.21
C GLY B 841 -5.50 2.37 17.13
N GLY B 842 -4.37 2.81 16.57
CA GLY B 842 -3.33 3.42 17.37
C GLY B 842 -3.68 4.81 17.83
N LEU B 843 -2.81 5.37 18.66
CA LEU B 843 -2.98 6.70 19.23
C LEU B 843 -1.69 7.49 19.05
N VAL B 844 -1.83 8.71 18.50
CA VAL B 844 -0.69 9.59 18.26
C VAL B 844 -0.93 10.88 19.04
N LEU B 845 0.06 11.29 19.84
CA LEU B 845 -0.06 12.46 20.66
C LEU B 845 0.00 13.73 19.82
N ASP B 846 -0.46 14.83 20.41
CA ASP B 846 -0.43 16.12 19.73
C ASP B 846 0.99 16.67 19.74
N PRO B 847 1.58 16.95 18.60
CA PRO B 847 2.97 17.43 18.57
C PRO B 847 3.07 18.90 18.96
N LYS B 848 4.29 19.30 19.30
CA LYS B 848 4.63 20.69 19.61
C LYS B 848 5.49 21.21 18.47
N VAL B 849 4.83 21.80 17.46
CA VAL B 849 5.55 22.24 16.27
C VAL B 849 6.52 23.35 16.64
N GLY B 850 7.74 23.25 16.13
CA GLY B 850 8.76 24.23 16.40
C GLY B 850 10.13 23.67 16.05
N PHE B 851 11.16 24.39 16.51
CA PHE B 851 12.55 24.00 16.30
C PHE B 851 13.24 23.84 17.63
N TYR B 852 14.00 22.75 17.78
CA TYR B 852 14.66 22.41 19.02
C TYR B 852 16.15 22.28 18.79
N ASP B 853 16.96 22.75 19.73
CA ASP B 853 18.41 22.70 19.63
C ASP B 853 19.06 21.78 20.64
N LYS B 854 18.43 21.58 21.80
CA LYS B 854 19.00 20.74 22.84
C LYS B 854 18.81 19.27 22.50
N PHE B 855 19.48 18.41 23.26
CA PHE B 855 19.40 16.97 23.05
C PHE B 855 17.98 16.47 23.30
N ILE B 856 17.50 15.60 22.42
CA ILE B 856 16.16 15.03 22.50
C ILE B 856 16.28 13.52 22.54
N LEU B 857 15.65 12.90 23.54
CA LEU B 857 15.64 11.46 23.68
C LEU B 857 14.50 10.85 22.86
N LEU B 858 14.54 9.52 22.73
CA LEU B 858 13.48 8.77 22.06
C LEU B 858 13.45 7.37 22.65
N LEU B 859 12.35 7.03 23.31
CA LEU B 859 12.17 5.73 23.93
C LEU B 859 11.18 4.93 23.10
N ASP B 860 11.53 3.67 22.83
CA ASP B 860 10.72 2.82 21.96
C ASP B 860 10.44 1.50 22.64
N PHE B 861 9.31 0.89 22.28
CA PHE B 861 8.93 -0.42 22.78
C PHE B 861 9.32 -1.50 21.78
N ASN B 862 9.79 -2.63 22.29
CA ASN B 862 10.26 -3.73 21.46
C ASN B 862 9.11 -4.74 21.28
N SER B 863 8.62 -4.85 20.04
CA SER B 863 7.55 -5.79 19.69
C SER B 863 6.34 -5.60 20.60
N LEU B 864 5.75 -4.40 20.48
CA LEU B 864 4.71 -3.97 21.41
C LEU B 864 3.51 -4.92 21.40
N TYR B 865 2.97 -5.19 20.22
CA TYR B 865 1.76 -6.02 20.15
C TYR B 865 2.02 -7.47 20.57
N PRO B 866 3.07 -8.16 20.08
CA PRO B 866 3.34 -9.50 20.62
C PRO B 866 3.60 -9.50 22.12
N SER B 867 4.27 -8.48 22.63
CA SER B 867 4.51 -8.40 24.07
C SER B 867 3.20 -8.27 24.84
N ILE B 868 2.28 -7.44 24.32
CA ILE B 868 0.97 -7.30 24.96
C ILE B 868 0.21 -8.62 24.93
N ILE B 869 0.26 -9.30 23.78
CA ILE B 869 -0.44 -10.57 23.64
C ILE B 869 0.09 -11.59 24.64
N GLN B 870 1.41 -11.68 24.77
CA GLN B 870 2.00 -12.63 25.72
C GLN B 870 1.71 -12.23 27.16
N GLU B 871 1.76 -10.93 27.48
CA GLU B 871 1.55 -10.47 28.85
C GLU B 871 0.12 -10.71 29.30
N PHE B 872 -0.86 -10.39 28.46
CA PHE B 872 -2.25 -10.44 28.84
C PHE B 872 -2.94 -11.73 28.38
N ASN B 873 -2.18 -12.69 27.85
CA ASN B 873 -2.71 -14.00 27.47
C ASN B 873 -3.89 -13.90 26.51
N ILE B 874 -3.75 -13.05 25.50
CA ILE B 874 -4.80 -12.86 24.51
C ILE B 874 -4.79 -14.06 23.58
N CYS B 875 -5.90 -14.80 23.54
CA CYS B 875 -6.00 -15.98 22.70
C CYS B 875 -7.48 -16.30 22.47
N PHE B 876 -7.73 -17.17 21.49
CA PHE B 876 -9.11 -17.56 21.18
C PHE B 876 -9.74 -18.32 22.34
N THR B 877 -8.96 -19.17 23.01
CA THR B 877 -9.52 -20.02 24.06
C THR B 877 -9.80 -19.25 25.34
N THR B 878 -9.04 -18.20 25.62
CA THR B 878 -9.14 -17.52 26.90
C THR B 878 -10.15 -16.38 26.91
N VAL B 879 -10.25 -15.62 25.82
CA VAL B 879 -11.12 -14.45 25.75
C VAL B 879 -12.54 -14.91 25.47
N GLN B 880 -13.47 -14.56 26.35
CA GLN B 880 -14.89 -14.85 26.15
C GLN B 880 -15.55 -13.74 25.36
N ARG B 881 -16.25 -14.11 24.30
CA ARG B 881 -16.91 -13.16 23.42
C ARG B 881 -18.19 -13.80 22.90
N VAL B 882 -19.12 -12.96 22.43
CA VAL B 882 -20.38 -13.43 21.89
C VAL B 882 -20.57 -12.91 20.47
N GLU B 896 -20.34 -3.46 19.23
CA GLU B 896 -19.06 -2.79 19.35
C GLU B 896 -18.70 -2.56 20.82
N GLN B 897 -18.27 -3.63 21.48
CA GLN B 897 -17.89 -3.56 22.89
C GLN B 897 -16.60 -4.33 23.10
N ILE B 898 -15.72 -3.79 23.94
CA ILE B 898 -14.42 -4.39 24.22
C ILE B 898 -14.60 -5.46 25.29
N PRO B 899 -14.28 -6.71 25.01
CA PRO B 899 -14.40 -7.76 26.04
C PRO B 899 -13.38 -7.54 27.15
N GLU B 900 -13.74 -8.02 28.34
CA GLU B 900 -12.89 -7.89 29.51
C GLU B 900 -11.67 -8.80 29.38
N LEU B 901 -10.62 -8.44 30.12
CA LEU B 901 -9.38 -9.20 30.08
C LEU B 901 -9.58 -10.59 30.69
N PRO B 902 -8.88 -11.59 30.17
CA PRO B 902 -8.98 -12.94 30.73
C PRO B 902 -8.34 -13.03 32.12
N ASP B 903 -8.84 -13.97 32.90
CA ASP B 903 -8.31 -14.18 34.24
C ASP B 903 -6.86 -14.65 34.17
N PRO B 904 -5.98 -14.14 35.05
CA PRO B 904 -4.57 -14.54 35.00
C PRO B 904 -4.32 -15.98 35.41
N SER B 905 -5.27 -16.65 36.06
CA SER B 905 -5.05 -18.02 36.50
C SER B 905 -5.05 -19.00 35.33
N LEU B 906 -5.67 -18.63 34.22
CA LEU B 906 -5.73 -19.51 33.06
C LEU B 906 -4.34 -19.69 32.45
N GLU B 907 -4.14 -20.84 31.82
CA GLU B 907 -2.84 -21.16 31.21
C GLU B 907 -2.64 -20.35 29.94
N MET B 908 -1.41 -20.42 29.42
CA MET B 908 -1.05 -19.69 28.21
C MET B 908 -1.81 -20.23 27.01
N GLY B 909 -2.24 -19.32 26.14
CA GLY B 909 -2.98 -19.67 24.94
C GLY B 909 -2.07 -20.10 23.81
N ILE B 910 -2.70 -20.53 22.72
CA ILE B 910 -1.95 -21.01 21.57
C ILE B 910 -1.26 -19.86 20.85
N LEU B 911 -1.95 -18.74 20.68
CA LEU B 911 -1.38 -17.61 19.96
C LEU B 911 -0.12 -17.05 20.61
N PRO B 912 -0.08 -16.79 21.92
CA PRO B 912 1.20 -16.35 22.52
C PRO B 912 2.31 -17.38 22.37
N ARG B 913 2.00 -18.66 22.52
CA ARG B 913 3.03 -19.69 22.42
C ARG B 913 3.56 -19.79 21.00
N GLU B 914 2.73 -19.45 20.00
CA GLU B 914 3.19 -19.48 18.62
C GLU B 914 3.93 -18.21 18.24
N ILE B 915 3.58 -17.07 18.83
CA ILE B 915 4.29 -15.84 18.51
C ILE B 915 5.61 -15.74 19.28
N ARG B 916 5.74 -16.48 20.39
CA ARG B 916 6.98 -16.48 21.14
C ARG B 916 8.14 -17.05 20.31
N LYS B 917 7.85 -18.04 19.48
CA LYS B 917 8.90 -18.61 18.63
C LYS B 917 9.42 -17.57 17.63
N LEU B 918 8.51 -16.82 17.01
CA LEU B 918 8.93 -15.77 16.09
C LEU B 918 9.71 -14.67 16.81
N VAL B 919 9.26 -14.29 18.01
CA VAL B 919 9.97 -13.27 18.77
C VAL B 919 11.38 -13.75 19.12
N GLU B 920 11.50 -15.00 19.56
CA GLU B 920 12.82 -15.55 19.88
C GLU B 920 13.72 -15.63 18.66
N ARG B 921 13.15 -16.01 17.51
CA ARG B 921 13.96 -16.07 16.29
C ARG B 921 14.45 -14.68 15.90
N ARG B 922 13.59 -13.66 16.00
CA ARG B 922 14.03 -12.31 15.70
C ARG B 922 15.10 -11.84 16.68
N LYS B 923 14.95 -12.19 17.96
CA LYS B 923 15.96 -11.84 18.95
C LYS B 923 17.29 -12.52 18.65
N GLN B 924 17.24 -13.77 18.21
CA GLN B 924 18.48 -14.48 17.83
C GLN B 924 19.14 -13.82 16.64
N VAL B 925 18.34 -13.40 15.64
CA VAL B 925 18.90 -12.72 14.48
C VAL B 925 19.54 -11.40 14.90
N LYS B 926 18.90 -10.67 15.81
CA LYS B 926 19.50 -9.43 16.31
C LYS B 926 20.77 -9.69 17.10
N GLN B 927 20.81 -10.78 17.87
CA GLN B 927 22.03 -11.15 18.57
C GLN B 927 23.17 -11.44 17.58
N LEU B 928 22.86 -12.16 16.50
CA LEU B 928 23.85 -12.37 15.45
C LEU B 928 24.27 -11.05 14.81
N MET B 929 23.32 -10.11 14.71
CA MET B 929 23.66 -8.76 14.23
C MET B 929 24.66 -8.08 15.13
N LYS B 930 24.51 -8.23 16.45
CA LYS B 930 25.37 -7.52 17.39
C LYS B 930 26.84 -7.93 17.26
N GLN B 931 27.12 -9.06 16.62
CA GLN B 931 28.51 -9.47 16.40
C GLN B 931 29.27 -8.42 15.60
N GLN B 932 30.48 -8.11 16.04
CA GLN B 932 31.32 -7.10 15.43
C GLN B 932 32.19 -7.73 14.33
N ASP B 933 32.70 -6.88 13.45
CA ASP B 933 33.58 -7.28 12.36
C ASP B 933 32.88 -8.28 11.43
N LEU B 934 31.80 -7.81 10.80
CA LEU B 934 31.03 -8.59 9.86
C LEU B 934 31.13 -7.98 8.46
N ASN B 935 30.93 -8.82 7.46
CA ASN B 935 31.00 -8.35 6.08
C ASN B 935 29.85 -7.37 5.81
N PRO B 936 30.09 -6.32 5.01
CA PRO B 936 29.01 -5.36 4.74
C PRO B 936 27.78 -5.97 4.10
N ASP B 937 27.96 -6.96 3.21
CA ASP B 937 26.80 -7.60 2.59
C ASP B 937 26.08 -8.54 3.55
N LEU B 938 26.82 -9.20 4.44
CA LEU B 938 26.19 -10.07 5.42
C LEU B 938 25.30 -9.28 6.36
N ILE B 939 25.72 -8.08 6.73
CA ILE B 939 24.91 -7.22 7.59
C ILE B 939 23.60 -6.86 6.90
N LEU B 940 23.67 -6.50 5.62
CA LEU B 940 22.45 -6.15 4.88
C LEU B 940 21.53 -7.36 4.74
N GLN B 941 22.10 -8.54 4.47
CA GLN B 941 21.29 -9.74 4.37
C GLN B 941 20.61 -10.05 5.70
N TYR B 942 21.34 -9.92 6.80
CA TYR B 942 20.74 -10.14 8.12
C TYR B 942 19.65 -9.12 8.41
N ASP B 943 19.86 -7.87 8.00
CA ASP B 943 18.83 -6.84 8.20
C ASP B 943 17.57 -7.18 7.41
N ILE B 944 17.73 -7.64 6.17
CA ILE B 944 16.57 -8.05 5.38
C ILE B 944 15.86 -9.21 6.04
N ARG B 945 16.61 -10.19 6.53
CA ARG B 945 16.02 -11.35 7.18
C ARG B 945 15.24 -10.96 8.43
N GLN B 946 15.84 -10.09 9.27
CA GLN B 946 15.17 -9.69 10.49
C GLN B 946 13.94 -8.82 10.21
N LYS B 947 14.01 -7.96 9.19
CA LYS B 947 12.84 -7.18 8.82
C LYS B 947 11.71 -8.08 8.33
N ALA B 948 12.04 -9.09 7.53
CA ALA B 948 11.03 -10.03 7.07
C ALA B 948 10.41 -10.79 8.24
N LEU B 949 11.25 -11.22 9.19
CA LEU B 949 10.74 -11.92 10.37
C LEU B 949 9.82 -11.03 11.20
N LYS B 950 10.21 -9.76 11.38
CA LYS B 950 9.38 -8.83 12.13
C LYS B 950 8.05 -8.59 11.42
N LEU B 951 8.08 -8.44 10.10
CA LEU B 951 6.84 -8.26 9.36
C LEU B 951 5.94 -9.48 9.46
N THR B 952 6.53 -10.68 9.39
CA THR B 952 5.74 -11.89 9.54
C THR B 952 5.12 -11.98 10.93
N ALA B 953 5.89 -11.63 11.96
CA ALA B 953 5.35 -11.65 13.32
C ALA B 953 4.22 -10.64 13.48
N ASN B 954 4.38 -9.44 12.92
CA ASN B 954 3.36 -8.40 13.00
C ASN B 954 2.11 -8.75 12.22
N SER B 955 2.23 -9.44 11.09
CA SER B 955 1.07 -9.78 10.27
C SER B 955 0.08 -10.69 11.00
N MET B 956 0.52 -11.38 12.05
CA MET B 956 -0.39 -12.23 12.80
C MET B 956 -1.51 -11.41 13.44
N TYR B 957 -1.16 -10.26 14.03
CA TYR B 957 -2.19 -9.38 14.59
C TYR B 957 -3.08 -8.82 13.49
N GLY B 958 -2.49 -8.40 12.37
CA GLY B 958 -3.27 -7.83 11.29
C GLY B 958 -4.28 -8.81 10.70
N CYS B 959 -3.90 -10.08 10.60
CA CYS B 959 -4.80 -11.09 10.05
C CYS B 959 -6.04 -11.28 10.93
N LEU B 960 -5.98 -10.90 12.20
CA LEU B 960 -7.15 -11.00 13.06
C LEU B 960 -8.26 -10.04 12.65
N GLY B 961 -7.93 -8.95 11.98
CA GLY B 961 -8.90 -8.00 11.49
C GLY B 961 -9.25 -8.12 10.03
N PHE B 962 -8.86 -9.20 9.35
CA PHE B 962 -9.15 -9.40 7.95
C PHE B 962 -10.52 -10.06 7.81
N SER B 963 -11.45 -9.37 7.17
CA SER B 963 -12.81 -9.88 7.05
C SER B 963 -12.88 -11.17 6.24
N TYR B 964 -11.97 -11.38 5.29
CA TYR B 964 -11.95 -12.57 4.47
C TYR B 964 -11.06 -13.67 5.06
N SER B 965 -10.42 -13.42 6.18
CA SER B 965 -9.55 -14.40 6.79
C SER B 965 -10.34 -15.56 7.38
N ARG B 966 -9.69 -16.72 7.46
CA ARG B 966 -10.32 -17.89 8.06
C ARG B 966 -10.48 -17.78 9.56
N PHE B 967 -9.71 -16.89 10.20
CA PHE B 967 -9.72 -16.71 11.65
C PHE B 967 -10.07 -15.26 11.99
N TYR B 968 -11.10 -14.73 11.35
CA TYR B 968 -11.50 -13.34 11.58
C TYR B 968 -12.02 -13.16 13.00
N ALA B 969 -11.46 -12.18 13.70
CA ALA B 969 -11.88 -11.89 15.08
C ALA B 969 -11.61 -10.41 15.36
N LYS B 970 -12.65 -9.59 15.22
CA LYS B 970 -12.50 -8.17 15.54
C LYS B 970 -12.23 -7.91 17.02
N PRO B 971 -12.95 -8.53 17.97
CA PRO B 971 -12.77 -8.14 19.38
C PRO B 971 -11.34 -8.28 19.89
N LEU B 972 -10.59 -9.28 19.43
CA LEU B 972 -9.20 -9.40 19.88
C LEU B 972 -8.36 -8.23 19.41
N ALA B 973 -8.52 -7.81 18.15
CA ALA B 973 -7.80 -6.65 17.66
C ALA B 973 -8.21 -5.38 18.41
N ALA B 974 -9.51 -5.23 18.66
CA ALA B 974 -9.96 -4.07 19.43
C ALA B 974 -9.36 -4.06 20.82
N LEU B 975 -9.31 -5.22 21.48
CA LEU B 975 -8.75 -5.30 22.82
C LEU B 975 -7.27 -4.98 22.84
N VAL B 976 -6.50 -5.50 21.87
CA VAL B 976 -5.06 -5.23 21.86
C VAL B 976 -4.80 -3.76 21.55
N THR B 977 -5.59 -3.16 20.65
CA THR B 977 -5.42 -1.73 20.40
C THR B 977 -5.75 -0.91 21.65
N TYR B 978 -6.82 -1.27 22.35
CA TYR B 978 -7.16 -0.56 23.59
C TYR B 978 -6.07 -0.69 24.62
N LYS B 979 -5.50 -1.89 24.78
CA LYS B 979 -4.42 -2.08 25.74
C LYS B 979 -3.20 -1.26 25.36
N GLY B 980 -2.87 -1.21 24.07
CA GLY B 980 -1.74 -0.39 23.63
C GLY B 980 -1.97 1.09 23.92
N ARG B 981 -3.18 1.58 23.65
CA ARG B 981 -3.49 2.97 23.94
C ARG B 981 -3.39 3.26 25.43
N GLU B 982 -3.90 2.35 26.27
CA GLU B 982 -3.81 2.51 27.71
C GLU B 982 -2.36 2.53 28.18
N ILE B 983 -1.53 1.64 27.63
CA ILE B 983 -0.12 1.61 27.99
C ILE B 983 0.56 2.91 27.61
N LEU B 984 0.28 3.42 26.41
CA LEU B 984 0.87 4.68 25.96
C LEU B 984 0.47 5.83 26.88
N MET B 985 -0.83 5.90 27.22
CA MET B 985 -1.29 6.95 28.12
C MET B 985 -0.63 6.87 29.48
N HIS B 986 -0.56 5.65 30.05
CA HIS B 986 0.05 5.50 31.37
C HIS B 986 1.52 5.89 31.34
N THR B 987 2.25 5.48 30.30
CA THR B 987 3.65 5.84 30.17
C THR B 987 3.82 7.35 30.05
N LYS B 988 2.99 7.99 29.22
CA LYS B 988 3.09 9.44 29.06
C LYS B 988 2.81 10.15 30.38
N GLU B 989 1.79 9.73 31.11
CA GLU B 989 1.48 10.38 32.38
C GLU B 989 2.61 10.20 33.39
N MET B 990 3.14 8.99 33.49
CA MET B 990 4.18 8.74 34.48
C MET B 990 5.47 9.47 34.13
N VAL B 991 5.76 9.60 32.83
CA VAL B 991 6.92 10.39 32.42
C VAL B 991 6.70 11.87 32.72
N GLN B 992 5.49 12.38 32.43
CA GLN B 992 5.18 13.78 32.75
C GLN B 992 5.27 14.04 34.25
N LYS B 993 5.04 13.02 35.07
CA LYS B 993 5.12 13.18 36.52
C LYS B 993 6.52 13.56 36.99
N MET B 994 7.55 13.31 36.18
CA MET B 994 8.93 13.58 36.57
C MET B 994 9.43 14.93 36.06
N ASN B 995 8.53 15.86 35.75
CA ASN B 995 8.88 17.21 35.31
C ASN B 995 9.75 17.16 34.05
N LEU B 996 9.25 16.50 33.02
CA LEU B 996 9.91 16.41 31.73
C LEU B 996 8.90 16.71 30.62
N GLU B 997 9.39 17.30 29.55
CA GLU B 997 8.55 17.72 28.43
C GLU B 997 8.43 16.59 27.41
N VAL B 998 7.18 16.25 27.07
CA VAL B 998 6.89 15.25 26.06
C VAL B 998 6.29 15.97 24.85
N ILE B 999 6.88 15.76 23.68
CA ILE B 999 6.51 16.52 22.49
C ILE B 999 5.95 15.65 21.36
N TYR B 1000 6.17 14.33 21.39
CA TYR B 1000 5.69 13.49 20.30
C TYR B 1000 5.69 12.03 20.73
N GLY B 1001 4.98 11.21 19.95
CA GLY B 1001 4.91 9.79 20.18
C GLY B 1001 3.90 9.13 19.26
N ASP B 1002 4.23 7.95 18.71
CA ASP B 1002 3.34 7.26 17.76
C ASP B 1002 3.12 5.82 18.25
N THR B 1003 2.19 5.67 19.20
CA THR B 1003 1.61 4.41 19.66
C THR B 1003 2.61 3.54 20.41
N ASP B 1004 3.90 3.87 20.35
CA ASP B 1004 4.88 3.16 21.16
C ASP B 1004 6.05 4.01 21.61
N SER B 1005 6.08 5.31 21.29
CA SER B 1005 7.26 6.13 21.49
C SER B 1005 6.94 7.35 22.34
N ILE B 1006 7.98 7.92 22.93
CA ILE B 1006 7.90 9.16 23.70
C ILE B 1006 9.17 9.96 23.44
N MET B 1007 9.01 11.21 23.03
CA MET B 1007 10.12 12.12 22.80
C MET B 1007 10.22 13.07 23.98
N ILE B 1008 11.38 13.09 24.63
CA ILE B 1008 11.60 13.88 25.83
C ILE B 1008 12.59 15.00 25.51
N ASN B 1009 12.21 16.23 25.82
CA ASN B 1009 13.08 17.39 25.63
C ASN B 1009 13.85 17.59 26.93
N THR B 1010 15.02 16.95 27.03
CA THR B 1010 15.79 17.00 28.26
C THR B 1010 16.35 18.39 28.52
N ASN B 1011 16.43 19.23 27.50
CA ASN B 1011 16.92 20.61 27.61
C ASN B 1011 18.34 20.68 28.16
N SER B 1012 19.20 19.75 27.78
CA SER B 1012 20.58 19.72 28.23
C SER B 1012 21.53 19.86 27.04
N THR B 1013 22.83 19.80 27.34
CA THR B 1013 23.84 19.89 26.29
C THR B 1013 24.97 18.88 26.45
N ASN B 1014 24.97 18.06 27.49
CA ASN B 1014 26.00 17.05 27.69
C ASN B 1014 25.40 15.65 27.57
N LEU B 1015 26.12 14.77 26.87
CA LEU B 1015 25.58 13.44 26.59
C LEU B 1015 25.49 12.58 27.84
N GLU B 1016 26.38 12.80 28.82
CA GLU B 1016 26.37 11.97 30.01
C GLU B 1016 25.10 12.14 30.82
N GLU B 1017 24.68 13.39 31.03
CA GLU B 1017 23.48 13.63 31.84
C GLU B 1017 22.24 13.09 31.16
N VAL B 1018 22.09 13.31 29.85
CA VAL B 1018 20.91 12.83 29.15
C VAL B 1018 20.91 11.30 29.10
N PHE B 1019 22.09 10.68 28.97
CA PHE B 1019 22.18 9.23 29.00
C PHE B 1019 21.77 8.67 30.35
N LYS B 1020 22.22 9.31 31.44
CA LYS B 1020 21.83 8.86 32.77
C LYS B 1020 20.32 9.02 32.98
N LEU B 1021 19.77 10.15 32.54
CA LEU B 1021 18.32 10.35 32.67
C LEU B 1021 17.55 9.32 31.87
N GLY B 1022 18.00 9.01 30.65
CA GLY B 1022 17.35 7.99 29.87
C GLY B 1022 17.41 6.62 30.52
N ASN B 1023 18.56 6.28 31.10
CA ASN B 1023 18.67 5.01 31.82
C ASN B 1023 17.72 4.95 33.02
N LYS B 1024 17.62 6.05 33.77
CA LYS B 1024 16.72 6.09 34.92
C LYS B 1024 15.27 5.92 34.47
N VAL B 1025 14.88 6.62 33.41
CA VAL B 1025 13.50 6.51 32.92
C VAL B 1025 13.23 5.10 32.40
N LYS B 1026 14.20 4.51 31.71
CA LYS B 1026 14.04 3.15 31.20
C LYS B 1026 13.85 2.16 32.34
N SER B 1027 14.65 2.29 33.40
CA SER B 1027 14.49 1.42 34.56
C SER B 1027 13.13 1.61 35.22
N GLU B 1028 12.70 2.86 35.36
CA GLU B 1028 11.40 3.13 35.97
C GLU B 1028 10.26 2.52 35.17
N VAL B 1029 10.34 2.63 33.84
CA VAL B 1029 9.30 2.05 33.00
C VAL B 1029 9.32 0.53 33.09
N ASN B 1030 10.51 -0.08 32.98
CA ASN B 1030 10.60 -1.53 32.94
C ASN B 1030 10.33 -2.18 34.29
N LYS B 1031 10.36 -1.42 35.38
CA LYS B 1031 10.08 -2.01 36.69
C LYS B 1031 8.64 -2.52 36.77
N LEU B 1032 7.71 -1.88 36.08
CA LEU B 1032 6.29 -2.20 36.27
C LEU B 1032 5.93 -3.54 35.63
N TYR B 1033 6.38 -3.77 34.40
CA TYR B 1033 5.90 -4.90 33.61
C TYR B 1033 6.84 -6.10 33.73
N LYS B 1034 6.37 -7.23 33.22
CA LYS B 1034 7.11 -8.49 33.30
C LYS B 1034 7.73 -8.87 31.95
N LEU B 1035 6.99 -8.64 30.86
CA LEU B 1035 7.45 -9.04 29.54
C LEU B 1035 7.78 -7.85 28.63
N LEU B 1036 7.09 -6.73 28.81
CA LEU B 1036 7.37 -5.56 27.97
C LEU B 1036 8.71 -4.95 28.33
N GLU B 1037 9.38 -4.37 27.33
CA GLU B 1037 10.68 -3.76 27.52
C GLU B 1037 10.72 -2.44 26.78
N ILE B 1038 11.55 -1.52 27.28
CA ILE B 1038 11.72 -0.20 26.70
C ILE B 1038 13.22 0.06 26.55
N ASP B 1039 13.61 0.70 25.45
CA ASP B 1039 15.00 0.99 25.17
C ASP B 1039 15.13 2.37 24.56
N ILE B 1040 16.34 2.93 24.70
CA ILE B 1040 16.65 4.24 24.11
C ILE B 1040 16.95 4.01 22.64
N ASP B 1041 15.95 4.25 21.78
CA ASP B 1041 16.11 3.98 20.35
C ASP B 1041 17.17 4.87 19.73
N GLY B 1042 17.20 6.15 20.10
CA GLY B 1042 18.18 7.06 19.55
C GLY B 1042 18.19 8.37 20.30
N VAL B 1043 19.28 9.11 20.15
CA VAL B 1043 19.46 10.41 20.77
C VAL B 1043 19.67 11.42 19.65
N PHE B 1044 18.84 12.46 19.63
CA PHE B 1044 18.93 13.49 18.61
C PHE B 1044 19.75 14.67 19.11
N LYS B 1045 20.42 15.34 18.16
CA LYS B 1045 21.17 16.55 18.44
C LYS B 1045 20.35 17.80 18.14
N SER B 1046 19.57 17.77 17.08
CA SER B 1046 18.67 18.85 16.70
C SER B 1046 17.51 18.26 15.92
N LEU B 1047 16.29 18.68 16.23
CA LEU B 1047 15.09 18.13 15.62
C LEU B 1047 14.19 19.25 15.13
N LEU B 1048 13.68 19.10 13.91
CA LEU B 1048 12.69 20.01 13.34
C LEU B 1048 11.41 19.21 13.10
N LEU B 1049 10.36 19.54 13.85
CA LEU B 1049 9.09 18.83 13.79
C LEU B 1049 8.08 19.71 13.07
N LEU B 1050 7.55 19.22 11.96
CA LEU B 1050 6.59 19.97 11.17
C LEU B 1050 5.15 19.64 11.52
N LYS B 1051 4.76 18.38 11.34
CA LYS B 1051 3.39 17.93 11.60
C LYS B 1051 3.46 16.49 12.12
N LYS B 1052 2.30 15.83 12.19
CA LYS B 1052 2.27 14.45 12.62
C LYS B 1052 2.93 13.55 11.58
N LYS B 1053 3.78 12.63 12.05
CA LYS B 1053 4.50 11.70 11.19
C LYS B 1053 5.36 12.43 10.16
N LYS B 1054 5.84 13.62 10.50
CA LYS B 1054 6.66 14.43 9.60
C LYS B 1054 7.69 15.17 10.45
N TYR B 1055 8.94 14.71 10.41
CA TYR B 1055 10.01 15.36 11.15
C TYR B 1055 11.34 14.94 10.56
N ALA B 1056 12.37 15.75 10.85
CA ALA B 1056 13.73 15.47 10.45
C ALA B 1056 14.68 15.87 11.57
N ALA B 1057 15.67 15.03 11.82
CA ALA B 1057 16.59 15.26 12.93
C ALA B 1057 17.92 14.59 12.64
N LEU B 1058 18.94 15.01 13.39
CA LEU B 1058 20.27 14.44 13.33
C LEU B 1058 20.41 13.38 14.41
N VAL B 1059 20.87 12.20 14.02
CA VAL B 1059 21.02 11.08 14.94
C VAL B 1059 22.47 10.98 15.37
N VAL B 1060 22.70 10.85 16.67
CA VAL B 1060 24.04 10.78 17.23
C VAL B 1060 24.44 9.31 17.33
N GLU B 1061 25.58 8.97 16.73
CA GLU B 1061 26.09 7.60 16.77
C GLU B 1061 27.52 7.61 17.31
N PRO B 1062 27.77 7.02 18.48
CA PRO B 1062 29.14 6.98 19.00
C PRO B 1062 30.04 6.09 18.14
N THR B 1063 31.31 6.48 18.06
CA THR B 1063 32.29 5.74 17.28
C THR B 1063 33.39 5.13 18.15
N SER B 1064 34.10 5.93 18.93
CA SER B 1064 35.19 5.47 19.77
C SER B 1064 35.69 6.62 20.62
N ASP B 1065 36.35 6.28 21.73
CA ASP B 1065 36.99 7.26 22.61
C ASP B 1065 36.01 8.30 23.12
N GLY B 1066 34.75 7.90 23.26
CA GLY B 1066 33.70 8.80 23.69
C GLY B 1066 33.25 9.80 22.66
N ASN B 1067 33.78 9.75 21.44
CA ASN B 1067 33.39 10.67 20.38
C ASN B 1067 32.17 10.13 19.65
N TYR B 1068 31.46 11.03 18.97
CA TYR B 1068 30.24 10.66 18.28
C TYR B 1068 30.16 11.38 16.94
N VAL B 1069 29.49 10.76 15.98
CA VAL B 1069 29.26 11.36 14.68
C VAL B 1069 27.75 11.53 14.49
N THR B 1070 27.38 12.47 13.62
CA THR B 1070 25.99 12.80 13.36
C THR B 1070 25.63 12.42 11.93
N LYS B 1071 24.50 11.73 11.78
CA LYS B 1071 23.99 11.31 10.48
C LYS B 1071 22.57 11.83 10.30
N GLN B 1072 22.33 12.53 9.20
CA GLN B 1072 21.01 13.08 8.93
C GLN B 1072 20.04 11.97 8.55
N GLU B 1073 18.76 12.18 8.88
CA GLU B 1073 17.70 11.25 8.53
C GLU B 1073 16.38 12.01 8.41
N LEU B 1074 15.48 11.45 7.62
CA LEU B 1074 14.17 12.06 7.38
C LEU B 1074 13.07 11.04 7.68
N LYS B 1075 11.91 11.56 8.06
CA LYS B 1075 10.77 10.71 8.42
C LYS B 1075 9.48 11.39 7.97
N GLY B 1076 8.90 10.88 6.89
CA GLY B 1076 7.58 11.29 6.45
C GLY B 1076 7.51 12.60 5.68
N LEU B 1077 8.65 13.25 5.44
CA LEU B 1077 8.63 14.51 4.71
C LEU B 1077 8.23 14.28 3.26
N ASP B 1078 7.91 15.39 2.58
CA ASP B 1078 7.55 15.32 1.17
C ASP B 1078 8.71 14.91 0.27
N ILE B 1079 9.95 15.03 0.76
CA ILE B 1079 11.12 14.66 -0.04
C ILE B 1079 11.21 13.16 -0.28
N VAL B 1080 10.86 12.33 0.71
CA VAL B 1080 11.00 10.88 0.58
C VAL B 1080 9.88 10.25 -0.25
N ARG B 1081 8.91 11.04 -0.70
CA ARG B 1081 7.83 10.53 -1.53
C ARG B 1081 8.27 10.44 -2.99
N ARG B 1082 7.59 9.57 -3.74
CA ARG B 1082 7.95 9.31 -5.13
C ARG B 1082 7.16 10.14 -6.12
N ASP B 1083 6.20 10.95 -5.66
CA ASP B 1083 5.36 11.75 -6.55
C ASP B 1083 5.79 13.21 -6.62
N TRP B 1084 7.09 13.49 -6.50
CA TRP B 1084 7.62 14.84 -6.62
C TRP B 1084 8.83 14.84 -7.54
N CYS B 1085 8.99 15.93 -8.27
CA CYS B 1085 10.12 16.05 -9.19
C CYS B 1085 11.44 16.07 -8.42
N ASP B 1086 12.48 15.54 -9.05
CA ASP B 1086 13.77 15.39 -8.38
C ASP B 1086 14.38 16.73 -8.00
N LEU B 1087 14.13 17.78 -8.80
CA LEU B 1087 14.68 19.09 -8.48
C LEU B 1087 14.13 19.62 -7.17
N ALA B 1088 12.82 19.50 -6.97
CA ALA B 1088 12.22 19.93 -5.71
C ALA B 1088 12.74 19.11 -4.54
N LYS B 1089 12.92 17.81 -4.74
CA LYS B 1089 13.47 16.96 -3.69
C LYS B 1089 14.88 17.39 -3.32
N ASP B 1090 15.71 17.69 -4.31
CA ASP B 1090 17.08 18.13 -4.04
C ASP B 1090 17.09 19.47 -3.31
N THR B 1091 16.25 20.42 -3.74
CA THR B 1091 16.20 21.71 -3.06
C THR B 1091 15.73 21.55 -1.62
N GLY B 1092 14.71 20.72 -1.40
CA GLY B 1092 14.25 20.48 -0.04
C GLY B 1092 15.31 19.82 0.83
N ASN B 1093 16.05 18.86 0.26
CA ASN B 1093 17.13 18.23 1.00
C ASN B 1093 18.21 19.23 1.38
N PHE B 1094 18.58 20.11 0.44
CA PHE B 1094 19.57 21.12 0.75
C PHE B 1094 19.08 22.08 1.84
N VAL B 1095 17.82 22.48 1.75
CA VAL B 1095 17.26 23.39 2.76
C VAL B 1095 17.25 22.72 4.13
N ILE B 1096 16.85 21.45 4.18
CA ILE B 1096 16.84 20.72 5.45
C ILE B 1096 18.25 20.61 6.02
N GLY B 1097 19.22 20.28 5.17
CA GLY B 1097 20.60 20.18 5.63
C GLY B 1097 21.13 21.50 6.15
N GLN B 1098 20.79 22.60 5.48
CA GLN B 1098 21.27 23.90 5.93
C GLN B 1098 20.59 24.33 7.22
N ILE B 1099 19.32 24.01 7.40
CA ILE B 1099 18.58 24.43 8.59
C ILE B 1099 19.11 23.72 9.82
N LEU B 1100 19.29 22.40 9.75
CA LEU B 1100 19.70 21.60 10.90
C LEU B 1100 21.15 21.82 11.31
N SER B 1101 21.93 22.54 10.50
CA SER B 1101 23.34 22.75 10.82
C SER B 1101 23.47 23.62 12.07
N ASP B 1102 24.72 23.73 12.54
CA ASP B 1102 25.03 24.47 13.75
C ASP B 1102 25.45 25.91 13.48
N GLN B 1103 25.35 26.37 12.22
CA GLN B 1103 25.74 27.73 11.89
C GLN B 1103 24.73 28.72 12.46
N SER B 1104 25.12 30.00 12.45
CA SER B 1104 24.25 31.06 12.94
C SER B 1104 23.00 31.18 12.09
N ARG B 1105 21.90 31.57 12.74
CA ARG B 1105 20.62 31.69 12.05
C ARG B 1105 20.63 32.76 10.97
N ASP B 1106 21.57 33.71 11.03
CA ASP B 1106 21.63 34.76 10.02
C ASP B 1106 22.19 34.24 8.70
N THR B 1107 23.23 33.40 8.76
CA THR B 1107 23.90 32.96 7.53
C THR B 1107 23.08 31.95 6.75
N ILE B 1108 22.26 31.15 7.44
CA ILE B 1108 21.48 30.13 6.75
C ILE B 1108 20.43 30.78 5.85
N VAL B 1109 19.86 31.91 6.29
CA VAL B 1109 18.89 32.61 5.46
C VAL B 1109 19.54 33.10 4.18
N GLU B 1110 20.73 33.69 4.29
CA GLU B 1110 21.44 34.15 3.10
C GLU B 1110 21.80 32.99 2.18
N ASN B 1111 22.23 31.87 2.75
CA ASN B 1111 22.58 30.71 1.93
C ASN B 1111 21.35 30.17 1.19
N ILE B 1112 20.22 30.09 1.89
CA ILE B 1112 18.99 29.63 1.26
C ILE B 1112 18.56 30.58 0.15
N GLN B 1113 18.66 31.89 0.40
CA GLN B 1113 18.31 32.88 -0.63
C GLN B 1113 19.20 32.73 -1.86
N LYS B 1114 20.51 32.57 -1.65
CA LYS B 1114 21.42 32.42 -2.78
C LYS B 1114 21.13 31.15 -3.56
N ARG B 1115 20.88 30.05 -2.86
CA ARG B 1115 20.57 28.79 -3.54
C ARG B 1115 19.27 28.89 -4.33
N LEU B 1116 18.25 29.53 -3.74
CA LEU B 1116 16.98 29.69 -4.45
C LEU B 1116 17.14 30.57 -5.68
N ILE B 1117 17.93 31.64 -5.57
CA ILE B 1117 18.17 32.50 -6.72
C ILE B 1117 18.89 31.73 -7.83
N GLU B 1118 19.90 30.94 -7.46
CA GLU B 1118 20.61 30.13 -8.45
C GLU B 1118 19.69 29.12 -9.10
N ILE B 1119 18.82 28.47 -8.33
CA ILE B 1119 17.89 27.50 -8.89
C ILE B 1119 16.92 28.18 -9.84
N GLY B 1120 16.40 29.34 -9.46
CA GLY B 1120 15.49 30.06 -10.34
C GLY B 1120 16.16 30.49 -11.63
N GLU B 1121 17.41 30.94 -11.55
CA GLU B 1121 18.15 31.30 -12.75
C GLU B 1121 18.38 30.08 -13.65
N ASN B 1122 18.76 28.95 -13.04
CA ASN B 1122 19.06 27.76 -13.83
C ASN B 1122 17.81 27.20 -14.50
N VAL B 1123 16.67 27.25 -13.82
CA VAL B 1123 15.44 26.71 -14.38
C VAL B 1123 15.04 27.47 -15.64
N LEU B 1124 15.09 28.81 -15.57
CA LEU B 1124 14.75 29.62 -16.74
C LEU B 1124 15.83 29.54 -17.81
N ASN B 1125 17.08 29.33 -17.41
CA ASN B 1125 18.17 29.24 -18.39
C ASN B 1125 18.02 28.00 -19.26
N GLY B 1126 17.53 26.91 -18.68
CA GLY B 1126 17.35 25.68 -19.42
C GLY B 1126 18.51 24.71 -19.35
N SER B 1127 19.45 24.91 -18.43
CA SER B 1127 20.59 24.02 -18.29
C SER B 1127 20.27 22.77 -17.48
N VAL B 1128 19.11 22.70 -16.85
CA VAL B 1128 18.72 21.55 -16.03
C VAL B 1128 18.42 20.36 -16.95
N PRO B 1129 18.92 19.17 -16.62
CA PRO B 1129 18.62 18.00 -17.45
C PRO B 1129 17.14 17.65 -17.44
N VAL B 1130 16.70 17.05 -18.55
CA VAL B 1130 15.30 16.67 -18.69
C VAL B 1130 14.93 15.58 -17.68
N SER B 1131 15.88 14.73 -17.32
CA SER B 1131 15.58 13.59 -16.44
C SER B 1131 15.20 14.01 -15.03
N GLN B 1132 15.43 15.28 -14.67
CA GLN B 1132 15.10 15.77 -13.34
C GLN B 1132 13.66 16.26 -13.23
N PHE B 1133 12.91 16.27 -14.32
CA PHE B 1133 11.53 16.72 -14.31
C PHE B 1133 10.53 15.58 -14.26
N GLU B 1134 11.00 14.34 -14.22
CA GLU B 1134 10.12 13.17 -14.23
C GLU B 1134 9.39 13.04 -12.90
N ILE B 1135 8.11 12.70 -12.98
CA ILE B 1135 7.27 12.43 -11.81
C ILE B 1135 6.73 11.02 -11.94
N ASN B 1136 6.88 10.24 -10.88
CA ASN B 1136 6.49 8.83 -10.88
C ASN B 1136 5.26 8.63 -10.00
N LYS B 1137 4.29 7.88 -10.52
CA LYS B 1137 3.08 7.53 -9.79
C LYS B 1137 2.73 6.07 -10.06
N ALA B 1138 2.05 5.46 -9.11
CA ALA B 1138 1.67 4.06 -9.23
C ALA B 1138 0.22 3.92 -9.67
N LEU B 1139 -0.11 2.77 -10.23
CA LEU B 1139 -1.46 2.48 -10.69
C LEU B 1139 -2.08 1.42 -9.80
N THR B 1140 -3.29 1.70 -9.31
CA THR B 1140 -4.01 0.77 -8.45
C THR B 1140 -4.84 -0.21 -9.25
N LYS B 1141 -5.63 0.29 -10.19
CA LYS B 1141 -6.49 -0.53 -11.03
C LYS B 1141 -6.01 -0.50 -12.47
N ASP B 1142 -6.71 -1.25 -13.32
CA ASP B 1142 -6.38 -1.26 -14.74
C ASP B 1142 -6.67 0.10 -15.36
N PRO B 1143 -5.90 0.51 -16.36
CA PRO B 1143 -6.11 1.84 -16.96
C PRO B 1143 -7.49 2.02 -17.58
N GLN B 1144 -8.15 0.94 -17.98
CA GLN B 1144 -9.48 1.05 -18.57
C GLN B 1144 -10.57 1.17 -17.53
N ASP B 1145 -10.23 1.05 -16.24
CA ASP B 1145 -11.21 1.09 -15.16
C ASP B 1145 -11.36 2.48 -14.54
N TYR B 1146 -10.67 3.48 -15.07
CA TYR B 1146 -10.71 4.81 -14.49
C TYR B 1146 -11.75 5.67 -15.20
N PRO B 1147 -12.81 6.11 -14.51
CA PRO B 1147 -13.79 6.97 -15.18
C PRO B 1147 -13.34 8.42 -15.30
N ASP B 1148 -12.37 8.85 -14.49
CA ASP B 1148 -11.88 10.22 -14.47
C ASP B 1148 -10.58 10.36 -15.26
N LYS B 1149 -10.47 9.65 -16.39
CA LYS B 1149 -9.25 9.67 -17.17
C LYS B 1149 -8.95 11.07 -17.71
N LYS B 1150 -9.95 11.94 -17.80
CA LYS B 1150 -9.74 13.27 -18.34
C LYS B 1150 -9.09 14.19 -17.32
N SER B 1151 -9.06 13.79 -16.05
CA SER B 1151 -8.53 14.63 -14.99
C SER B 1151 -7.32 14.01 -14.29
N LEU B 1152 -6.97 12.77 -14.62
CA LEU B 1152 -5.82 12.11 -14.01
C LEU B 1152 -4.69 11.99 -15.03
N PRO B 1153 -3.53 12.60 -14.79
CA PRO B 1153 -2.46 12.59 -15.80
C PRO B 1153 -1.80 11.24 -15.98
N HIS B 1154 -1.53 10.54 -14.86
CA HIS B 1154 -0.83 9.27 -14.95
C HIS B 1154 -1.62 8.23 -15.71
N VAL B 1155 -2.94 8.19 -15.49
CA VAL B 1155 -3.76 7.24 -16.24
C VAL B 1155 -3.81 7.62 -17.71
N HIS B 1156 -3.77 8.92 -18.03
CA HIS B 1156 -3.73 9.34 -19.42
C HIS B 1156 -2.44 8.88 -20.10
N VAL B 1157 -1.32 9.04 -19.42
CA VAL B 1157 -0.04 8.58 -19.98
C VAL B 1157 -0.04 7.07 -20.13
N ALA B 1158 -0.61 6.35 -19.16
CA ALA B 1158 -0.71 4.90 -19.28
C ALA B 1158 -1.58 4.50 -20.47
N LEU B 1159 -2.69 5.20 -20.68
CA LEU B 1159 -3.54 4.92 -21.83
C LEU B 1159 -2.79 5.15 -23.13
N TRP B 1160 -2.04 6.26 -23.21
CA TRP B 1160 -1.30 6.56 -24.43
C TRP B 1160 -0.23 5.49 -24.69
N ILE B 1161 0.51 5.09 -23.65
CA ILE B 1161 1.58 4.13 -23.85
C ILE B 1161 1.02 2.74 -24.15
N ASN B 1162 -0.18 2.43 -23.66
CA ASN B 1162 -0.79 1.15 -24.00
C ASN B 1162 -1.32 1.15 -25.42
N SER B 1163 -1.96 2.24 -25.85
CA SER B 1163 -2.55 2.29 -27.18
C SER B 1163 -1.51 2.40 -28.28
N GLN B 1164 -0.53 3.28 -28.12
CA GLN B 1164 0.43 3.56 -29.20
C GLN B 1164 1.80 2.93 -28.98
N GLY B 1165 1.96 2.07 -27.99
CA GLY B 1165 3.27 1.54 -27.65
C GLY B 1165 3.36 0.03 -27.71
N GLY B 1166 4.45 -0.48 -27.13
CA GLY B 1166 4.74 -1.89 -27.07
C GLY B 1166 4.43 -2.46 -25.70
N ARG B 1167 5.46 -2.55 -24.86
CA ARG B 1167 5.34 -2.96 -23.47
C ARG B 1167 4.07 -2.40 -22.84
N LYS B 1168 3.28 -3.28 -22.23
CA LYS B 1168 1.96 -2.93 -21.71
C LYS B 1168 2.05 -2.71 -20.20
N VAL B 1169 1.31 -1.72 -19.71
CA VAL B 1169 1.28 -1.41 -18.29
C VAL B 1169 -0.04 -1.89 -17.70
N LYS B 1170 0.02 -2.55 -16.55
CA LYS B 1170 -1.14 -3.08 -15.86
C LYS B 1170 -1.17 -2.55 -14.43
N ALA B 1171 -2.07 -3.11 -13.63
CA ALA B 1171 -2.18 -2.70 -12.23
C ALA B 1171 -0.90 -3.03 -11.47
N GLY B 1172 -0.52 -2.12 -10.58
CA GLY B 1172 0.69 -2.26 -9.79
C GLY B 1172 1.94 -1.69 -10.44
N ASP B 1173 1.84 -1.26 -11.69
CA ASP B 1173 2.99 -0.68 -12.38
C ASP B 1173 3.11 0.80 -12.06
N THR B 1174 4.28 1.35 -12.41
CA THR B 1174 4.57 2.76 -12.21
C THR B 1174 4.67 3.48 -13.55
N VAL B 1175 4.17 4.70 -13.60
CA VAL B 1175 4.15 5.51 -14.81
C VAL B 1175 4.89 6.80 -14.55
N SER B 1176 5.82 7.15 -15.44
CA SER B 1176 6.59 8.38 -15.36
C SER B 1176 6.09 9.36 -16.40
N TYR B 1177 5.78 10.58 -15.98
CA TYR B 1177 5.24 11.60 -16.86
C TYR B 1177 5.87 12.94 -16.55
N VAL B 1178 5.82 13.84 -17.53
CA VAL B 1178 6.33 15.19 -17.40
C VAL B 1178 5.30 16.16 -17.95
N ILE B 1179 5.11 17.28 -17.26
CA ILE B 1179 4.17 18.31 -17.68
C ILE B 1179 4.88 19.26 -18.64
N CYS B 1180 4.30 19.45 -19.82
CA CYS B 1180 4.92 20.23 -20.87
C CYS B 1180 3.93 21.27 -21.38
N GLN B 1181 4.49 22.34 -21.95
CA GLN B 1181 3.69 23.42 -22.54
C GLN B 1181 3.16 22.97 -23.89
N ASP B 1182 1.83 22.95 -24.02
CA ASP B 1182 1.18 22.50 -25.24
C ASP B 1182 0.59 23.62 -26.07
N GLY B 1183 0.17 24.72 -25.45
CA GLY B 1183 -0.42 25.83 -26.17
C GLY B 1183 -1.90 25.69 -26.48
N SER B 1184 -2.56 24.68 -25.93
CA SER B 1184 -3.98 24.45 -26.16
C SER B 1184 -4.87 25.17 -25.16
N ASN B 1185 -4.28 25.96 -24.25
CA ASN B 1185 -5.03 26.67 -23.21
C ASN B 1185 -5.82 25.70 -22.34
N LEU B 1186 -5.22 24.55 -22.06
CA LEU B 1186 -5.81 23.54 -21.20
C LEU B 1186 -5.18 23.60 -19.80
N THR B 1187 -5.78 22.86 -18.88
CA THR B 1187 -5.29 22.81 -17.51
C THR B 1187 -4.00 21.99 -17.44
N ALA B 1188 -3.31 22.11 -16.31
CA ALA B 1188 -2.05 21.40 -16.12
C ALA B 1188 -2.27 19.90 -16.09
N SER B 1189 -3.35 19.44 -15.46
CA SER B 1189 -3.61 18.02 -15.31
C SER B 1189 -3.86 17.31 -16.64
N GLN B 1190 -4.17 18.04 -17.70
CA GLN B 1190 -4.45 17.44 -19.00
C GLN B 1190 -3.31 17.68 -20.00
N ARG B 1191 -2.13 18.05 -19.53
CA ARG B 1191 -0.99 18.33 -20.39
C ARG B 1191 0.19 17.45 -20.02
N ALA B 1192 -0.09 16.23 -19.57
CA ALA B 1192 0.97 15.28 -19.23
C ALA B 1192 1.42 14.52 -20.47
N TYR B 1193 2.71 14.21 -20.53
CA TYR B 1193 3.27 13.49 -21.65
C TYR B 1193 4.39 12.56 -21.17
N ALA B 1194 4.63 11.51 -21.93
CA ALA B 1194 5.71 10.59 -21.62
C ALA B 1194 7.06 11.25 -21.88
N PRO B 1195 8.09 10.90 -21.10
CA PRO B 1195 9.42 11.50 -21.32
C PRO B 1195 9.96 11.24 -22.72
N GLU B 1196 9.70 10.07 -23.28
CA GLU B 1196 10.12 9.77 -24.65
C GLU B 1196 9.32 10.55 -25.70
N GLN B 1197 8.15 11.07 -25.35
CA GLN B 1197 7.35 11.84 -26.28
C GLN B 1197 7.82 13.29 -26.40
N LEU B 1198 8.71 13.74 -25.54
CA LEU B 1198 9.14 15.14 -25.54
C LEU B 1198 10.14 15.45 -26.65
N GLN B 1199 11.27 14.73 -26.68
CA GLN B 1199 12.28 14.99 -27.68
C GLN B 1199 11.90 14.51 -29.07
N LYS B 1200 10.95 13.58 -29.18
CA LYS B 1200 10.48 13.09 -30.46
C LYS B 1200 9.72 14.15 -31.26
N GLN B 1201 8.88 14.93 -30.59
CA GLN B 1201 8.10 15.97 -31.25
C GLN B 1201 8.87 17.29 -31.27
N ASP B 1202 8.19 18.35 -31.68
CA ASP B 1202 8.78 19.68 -31.78
C ASP B 1202 7.94 20.76 -31.11
N ASN B 1203 6.63 20.57 -30.97
CA ASN B 1203 5.77 21.58 -30.37
C ASN B 1203 5.69 21.49 -28.85
N LEU B 1204 6.37 20.52 -28.24
CA LEU B 1204 6.33 20.32 -26.80
C LEU B 1204 7.61 20.85 -26.16
N THR B 1205 7.45 21.59 -25.07
CA THR B 1205 8.57 22.12 -24.32
C THR B 1205 8.25 22.10 -22.84
N ILE B 1206 9.30 22.13 -22.01
CA ILE B 1206 9.12 22.03 -20.57
C ILE B 1206 8.40 23.26 -20.04
N ASP B 1207 7.36 23.02 -19.25
CA ASP B 1207 6.59 24.11 -18.64
C ASP B 1207 7.33 24.55 -17.37
N THR B 1208 8.19 25.56 -17.51
CA THR B 1208 8.98 26.03 -16.37
C THR B 1208 8.10 26.65 -15.29
N GLN B 1209 7.03 27.33 -15.68
CA GLN B 1209 6.19 28.02 -14.71
C GLN B 1209 5.54 27.04 -13.73
N TYR B 1210 5.02 25.92 -14.24
CA TYR B 1210 4.37 24.95 -13.38
C TYR B 1210 5.34 24.37 -12.36
N TYR B 1211 6.54 24.00 -12.81
CA TYR B 1211 7.54 23.45 -11.91
C TYR B 1211 8.06 24.48 -10.91
N LEU B 1212 8.23 25.73 -11.32
CA LEU B 1212 8.75 26.76 -10.43
C LEU B 1212 7.70 27.34 -9.50
N ALA B 1213 6.41 27.12 -9.76
CA ALA B 1213 5.35 27.71 -8.95
C ALA B 1213 4.51 26.68 -8.20
N GLN B 1214 4.55 25.41 -8.58
CA GLN B 1214 3.75 24.39 -7.91
C GLN B 1214 4.53 23.17 -7.46
N GLN B 1215 5.82 23.08 -7.77
CA GLN B 1215 6.64 21.94 -7.36
C GLN B 1215 7.74 22.34 -6.37
N ILE B 1216 8.44 23.45 -6.63
CA ILE B 1216 9.52 23.86 -5.76
C ILE B 1216 9.00 24.74 -4.63
N HIS B 1217 8.15 25.72 -4.95
CA HIS B 1217 7.67 26.66 -3.94
C HIS B 1217 6.90 25.99 -2.82
N PRO B 1218 5.92 25.10 -3.06
CA PRO B 1218 5.19 24.51 -1.93
C PRO B 1218 6.07 23.76 -0.94
N VAL B 1219 7.03 22.98 -1.44
CA VAL B 1219 7.87 22.18 -0.56
C VAL B 1219 8.73 23.08 0.32
N VAL B 1220 9.38 24.08 -0.28
CA VAL B 1220 10.22 24.99 0.48
C VAL B 1220 9.40 25.82 1.46
N ALA B 1221 8.23 26.29 1.05
CA ALA B 1221 7.38 27.06 1.95
C ALA B 1221 6.92 26.23 3.15
N ARG B 1222 6.54 24.96 2.91
CA ARG B 1222 6.12 24.11 4.01
C ARG B 1222 7.28 23.78 4.94
N ILE B 1223 8.48 23.53 4.38
CA ILE B 1223 9.63 23.16 5.20
C ILE B 1223 10.04 24.31 6.11
N CYS B 1224 10.07 25.52 5.56
CA CYS B 1224 10.57 26.70 6.28
C CYS B 1224 9.48 27.41 7.07
N GLU B 1225 8.27 26.85 7.13
CA GLU B 1225 7.19 27.49 7.88
C GLU B 1225 7.50 27.65 9.36
N PRO B 1226 7.98 26.62 10.10
CA PRO B 1226 8.24 26.82 11.53
C PRO B 1226 9.30 27.87 11.85
N ILE B 1227 10.30 28.05 10.99
CA ILE B 1227 11.37 28.99 11.24
C ILE B 1227 10.91 30.39 10.83
N ASP B 1228 11.56 31.40 11.39
CA ASP B 1228 11.21 32.79 11.13
C ASP B 1228 12.19 33.41 10.13
N GLY B 1229 11.78 34.53 9.54
CA GLY B 1229 12.56 35.22 8.56
C GLY B 1229 12.38 34.74 7.14
N ILE B 1230 11.60 33.68 6.92
CA ILE B 1230 11.33 33.14 5.60
C ILE B 1230 9.82 32.98 5.46
N ASP B 1231 9.28 33.47 4.35
CA ASP B 1231 7.85 33.42 4.10
C ASP B 1231 7.61 33.13 2.63
N ALA B 1232 6.35 32.92 2.27
CA ALA B 1232 6.00 32.58 0.89
C ALA B 1232 6.35 33.73 -0.06
N VAL B 1233 6.09 34.97 0.36
CA VAL B 1233 6.38 36.12 -0.49
C VAL B 1233 7.89 36.23 -0.72
N LEU B 1234 8.69 36.04 0.33
CA LEU B 1234 10.14 36.09 0.17
C LEU B 1234 10.64 35.00 -0.75
N ILE B 1235 10.07 33.80 -0.63
CA ILE B 1235 10.46 32.69 -1.51
C ILE B 1235 10.10 33.01 -2.96
N ALA B 1236 8.90 33.58 -3.18
CA ALA B 1236 8.50 33.94 -4.53
C ALA B 1236 9.42 35.00 -5.12
N THR B 1237 9.78 36.01 -4.32
CA THR B 1237 10.70 37.04 -4.80
C THR B 1237 12.07 36.45 -5.13
N TRP B 1238 12.55 35.54 -4.29
CA TRP B 1238 13.87 34.96 -4.52
C TRP B 1238 13.87 34.08 -5.77
N LEU B 1239 12.80 33.32 -5.99
CA LEU B 1239 12.73 32.43 -7.13
C LEU B 1239 12.55 33.17 -8.45
N GLY B 1240 12.18 34.44 -8.41
CA GLY B 1240 11.96 35.19 -9.64
C GLY B 1240 10.55 35.13 -10.17
N LEU B 1241 9.60 34.66 -9.36
CA LEU B 1241 8.20 34.58 -9.76
C LEU B 1241 7.53 35.94 -9.60
N ASP B 1242 6.20 35.92 -9.73
CA ASP B 1242 5.41 37.13 -9.57
C ASP B 1242 4.71 37.09 -8.22
N PRO B 1243 5.09 37.92 -7.25
CA PRO B 1243 4.44 37.87 -5.93
C PRO B 1243 3.04 38.46 -5.92
N THR B 1244 2.51 38.89 -7.07
CA THR B 1244 1.24 39.61 -7.07
C THR B 1244 0.05 38.66 -6.92
N GLN B 1245 0.29 37.41 -6.53
CA GLN B 1245 -0.81 36.46 -6.41
C GLN B 1245 -0.92 35.89 -4.99
N PHE B 1246 0.22 35.60 -4.38
CA PHE B 1246 0.22 34.91 -3.09
C PHE B 1246 -0.43 35.71 -1.97
N ARG B 1247 0.17 36.84 -1.59
CA ARG B 1247 -0.36 37.62 -0.47
C ARG B 1247 -0.85 39.00 -0.91
N VAL B 1248 0.03 39.83 -1.49
CA VAL B 1248 -0.19 41.22 -1.89
C VAL B 1248 -1.44 41.83 -1.25
N HIS B 1249 -2.39 42.23 -2.09
CA HIS B 1249 -3.69 42.76 -1.66
C HIS B 1249 -3.52 44.08 -0.90
N HIS B 1250 -2.92 44.01 0.29
CA HIS B 1250 -2.71 45.21 1.08
C HIS B 1250 -1.66 46.09 0.40
N TYR B 1251 -2.04 47.33 0.10
CA TYR B 1251 -1.14 48.26 -0.56
C TYR B 1251 -0.54 49.25 0.43
PG GTP C 1 -10.26 33.79 -0.65
O1G GTP C 1 -10.02 32.33 -0.92
O2G GTP C 1 -8.98 34.56 -0.46
O3G GTP C 1 -11.19 34.41 -1.65
O3B GTP C 1 -11.05 33.82 0.74
PB GTP C 1 -11.81 32.62 1.47
O1B GTP C 1 -12.54 33.14 2.65
O2B GTP C 1 -12.53 31.84 0.43
O3A GTP C 1 -10.57 31.76 1.99
PA GTP C 1 -10.51 30.20 2.30
O1A GTP C 1 -10.51 29.46 1.01
O2A GTP C 1 -9.42 29.94 3.28
O5' GTP C 1 -11.93 30.02 3.03
C5' GTP C 1 -11.97 30.26 4.45
C4' GTP C 1 -13.33 29.93 4.99
O4' GTP C 1 -14.34 30.51 4.12
C3' GTP C 1 -13.70 28.44 5.04
O3' GTP C 1 -13.21 27.82 6.22
C2' GTP C 1 -15.22 28.53 5.05
O2' GTP C 1 -15.75 28.87 6.31
C1' GTP C 1 -15.46 29.65 4.05
N9 GTP C 1 -15.58 29.18 2.68
C8 GTP C 1 -14.68 29.35 1.66
N7 GTP C 1 -15.07 28.81 0.54
C5 GTP C 1 -16.30 28.25 0.83
C6 GTP C 1 -17.19 27.52 0.01
O6 GTP C 1 -17.06 27.24 -1.20
N1 GTP C 1 -18.33 27.14 0.71
C2 GTP C 1 -18.58 27.41 2.03
N2 GTP C 1 -19.73 26.94 2.52
N3 GTP C 1 -17.74 28.08 2.81
C4 GTP C 1 -16.63 28.47 2.14
FE1 SF4 E . -29.81 44.95 9.76
FE2 SF4 E . -27.72 45.81 11.30
FE3 SF4 E . -29.19 47.62 9.88
FE4 SF4 E . -27.52 45.89 8.57
S1 SF4 E . -26.92 47.54 10.03
S2 SF4 E . -29.67 46.41 8.00
S3 SF4 E . -27.72 44.03 9.88
S4 SF4 E . -29.92 46.30 11.59
MG MG F . -10.96 29.87 -1.76
PG DTP G . 10.61 -3.14 16.70
O1G DTP G . 10.54 -3.36 15.24
O2G DTP G . 11.47 -4.17 17.45
O3G DTP G . 11.09 -1.73 17.09
PB DTP G . 7.65 -2.93 17.04
O1B DTP G . 6.89 -4.13 16.66
O2B DTP G . 7.10 -2.13 18.22
O3B DTP G . 9.16 -3.26 17.37
PA DTP G . 7.01 -0.69 15.23
O1A DTP G . 7.24 0.54 16.03
O2A DTP G . 7.40 -0.57 13.76
O3A DTP G . 7.81 -1.92 15.83
O5' DTP G . 5.51 -1.17 15.31
C5' DTP G . 4.68 -0.84 16.44
C4' DTP G . 3.40 -1.62 16.34
O4' DTP G . 2.68 -1.21 15.15
C3' DTP G . 3.59 -3.13 16.21
O3' DTP G . 3.61 -3.74 17.49
C2' DTP G . 2.34 -3.54 15.44
C1' DTP G . 2.08 -2.34 14.54
N9 DTP G . 2.60 -2.46 13.19
C8 DTP G . 3.70 -1.83 12.66
N7 DTP G . 3.94 -2.11 11.40
C5 DTP G . 2.92 -3.00 11.08
C6 DTP G . 2.60 -3.68 9.88
N6 DTP G . 3.31 -3.57 8.75
N1 DTP G . 1.51 -4.48 9.89
C2 DTP G . 0.80 -4.58 11.01
N3 DTP G . 1.00 -3.99 12.20
C4 DTP G . 2.08 -3.21 12.16
#